data_5ZY9
#
_entry.id   5ZY9
#
_cell.length_a   105.212
_cell.length_b   109.633
_cell.length_c   133.766
_cell.angle_alpha   90.00
_cell.angle_beta   99.46
_cell.angle_gamma   90.00
#
_symmetry.space_group_name_H-M   'C 1 2 1'
#
loop_
_entity.id
_entity.type
_entity.pdbx_description
1 polymer 'Threonyl-tRNA synthase'
2 non-polymer '(1R,2R)-2-[(2S,4E,6E,8R,9S,11R,13S,15S,16S)-7-cyano-8,16-dihydroxy-9,11,13,15-tetramethyl-18-oxooxacyclooctadeca-4,6-dien-2-yl]cyclopentanecarboxylic acid'
3 non-polymer 'ZINC ION'
4 water water
#
_entity_poly.entity_id   1
_entity_poly.type   'polypeptide(L)'
_entity_poly.pdbx_seq_one_letter_code
;MDHRRLGVSEELFFFHSLSPGSGFWLPHGSAIYFKLLKFIREQYRARGYTEVITPNIFNMELWNISGHAKHYKENMFVFD
VEGQEYALKPMNCPAASLMFDFRQRSYRELPIRYADCGVLHRNELSGALTGLTRVRRFQQDDAHIFCRDDQIKKEVLDFL
SFMKYVYDVFGIEFNLELSTRPEKAMGELEQWERAESQLAEALDEFVGAGKWVVNPGDGAFYGPKIDIMITDALKRQHQC
ATVQLDFQLPIRFNLKYRTDDADNFKRPVIIHRAIYGSLERFVAVLVEHYAGKFPFWLSPRQVLIVTVGAAFVDYGYEVK
DAMFRAGFDVDIDDTGKTLNKKIREGQMAHYNFILVVGAHEKETRSVNIRTRDNKVTGTKTLEEAIAMFKELEETKAADE
HHHHHH
;
_entity_poly.pdbx_strand_id   C,D,E
#
# COMPACT_ATOMS: atom_id res chain seq x y z
N MET A 1 25.41 32.13 25.49
CA MET A 1 24.55 32.64 26.54
C MET A 1 23.60 33.70 26.03
N ASP A 2 22.30 33.40 26.04
CA ASP A 2 21.28 34.34 25.57
C ASP A 2 19.91 33.67 25.52
N HIS A 3 18.87 34.49 25.46
CA HIS A 3 17.50 33.98 25.42
C HIS A 3 17.37 32.84 24.42
N ARG A 4 16.34 32.02 24.59
CA ARG A 4 16.11 30.88 23.72
C ARG A 4 14.65 30.42 23.78
N ARG A 5 14.10 30.07 22.63
CA ARG A 5 14.83 30.13 21.37
C ARG A 5 14.21 29.23 20.31
N LEU A 6 13.08 28.60 20.67
CA LEU A 6 12.38 27.72 19.75
C LEU A 6 10.92 28.11 19.62
N GLY A 7 10.16 27.32 18.87
CA GLY A 7 8.75 27.58 18.67
C GLY A 7 8.50 28.89 17.94
N VAL A 8 8.87 29.99 18.59
CA VAL A 8 8.69 31.32 18.01
C VAL A 8 9.59 31.52 16.80
N SER A 9 10.77 30.94 16.86
CA SER A 9 11.71 31.06 15.78
C SER A 9 11.08 30.65 14.45
N GLU A 10 11.06 31.58 13.51
CA GLU A 10 10.26 31.50 12.29
C GLU A 10 11.11 31.45 11.00
N GLU A 11 10.49 31.18 9.85
CA GLU A 11 9.12 30.72 9.79
C GLU A 11 9.01 29.24 10.21
N LEU A 12 9.30 28.34 9.30
CA LEU A 12 9.48 26.93 9.63
C LEU A 12 8.27 26.06 9.94
N PHE A 13 7.64 26.24 11.08
CA PHE A 13 6.55 25.37 11.41
C PHE A 13 5.55 25.97 12.34
N PHE A 14 4.34 25.45 12.35
CA PHE A 14 3.29 25.96 13.20
C PHE A 14 2.32 24.89 13.68
N PHE A 15 1.50 25.20 14.66
CA PHE A 15 0.54 24.27 15.18
C PHE A 15 -0.83 24.89 15.13
N HIS A 16 -1.85 24.08 14.99
CA HIS A 16 -3.18 24.57 14.85
C HIS A 16 -3.99 23.87 15.86
N SER A 17 -5.11 24.43 16.23
CA SER A 17 -5.89 23.88 17.31
C SER A 17 -6.72 22.69 16.87
N LEU A 18 -6.84 22.52 15.58
CA LEU A 18 -7.45 21.36 15.00
C LEU A 18 -6.61 20.08 15.03
N SER A 19 -5.31 20.19 15.20
CA SER A 19 -4.44 19.05 15.39
C SER A 19 -3.31 19.38 16.32
N PRO A 20 -3.58 19.55 17.59
CA PRO A 20 -2.50 19.90 18.49
C PRO A 20 -1.54 18.75 18.62
N GLY A 21 -0.27 19.03 18.74
CA GLY A 21 0.68 17.97 18.79
C GLY A 21 1.07 17.46 17.44
N SER A 22 0.57 18.03 16.37
CA SER A 22 1.02 17.62 15.04
C SER A 22 1.47 18.80 14.29
N GLY A 23 2.69 18.79 13.83
CA GLY A 23 3.21 19.91 13.09
C GLY A 23 2.76 20.21 11.68
N PHE A 24 2.74 21.48 11.34
CA PHE A 24 2.59 21.90 9.96
C PHE A 24 3.91 22.44 9.61
N TRP A 25 4.56 21.91 8.61
CA TRP A 25 5.89 22.32 8.28
C TRP A 25 5.77 23.14 7.05
N LEU A 26 6.08 24.40 7.19
CA LEU A 26 6.04 25.36 6.16
C LEU A 26 7.19 25.04 5.30
N PRO A 27 7.27 25.62 4.13
CA PRO A 27 8.26 25.20 3.16
C PRO A 27 9.69 25.33 3.58
N HIS A 28 10.06 26.37 4.28
CA HIS A 28 11.39 26.48 4.82
C HIS A 28 11.68 25.43 5.84
N GLY A 29 10.70 25.08 6.64
CA GLY A 29 10.80 23.97 7.56
C GLY A 29 10.95 22.59 6.99
N SER A 30 10.16 22.29 5.97
CA SER A 30 10.20 21.04 5.25
C SER A 30 11.50 20.83 4.62
N ALA A 31 12.07 21.91 4.17
CA ALA A 31 13.34 21.90 3.51
C ALA A 31 14.38 21.40 4.43
N ILE A 32 14.33 21.79 5.68
CA ILE A 32 15.21 21.25 6.70
C ILE A 32 14.97 19.78 7.04
N TYR A 33 13.73 19.42 7.21
CA TYR A 33 13.34 18.08 7.49
C TYR A 33 13.76 17.10 6.39
N PHE A 34 13.55 17.46 5.13
CA PHE A 34 13.97 16.68 4.00
C PHE A 34 15.46 16.51 3.84
N LYS A 35 16.20 17.51 4.18
CA LYS A 35 17.62 17.44 4.15
C LYS A 35 18.18 16.50 5.17
N LEU A 36 17.59 16.52 6.34
CA LEU A 36 17.98 15.63 7.39
C LEU A 36 17.71 14.19 7.03
N LEU A 37 16.58 13.92 6.42
CA LEU A 37 16.20 12.60 5.99
C LEU A 37 17.09 12.11 4.90
N LYS A 38 17.42 12.98 4.00
CA LYS A 38 18.33 12.67 2.96
C LYS A 38 19.73 12.39 3.44
N PHE A 39 20.23 13.10 4.42
CA PHE A 39 21.50 12.80 4.98
C PHE A 39 21.54 11.46 5.65
N ILE A 40 20.51 11.13 6.42
CA ILE A 40 20.39 9.87 7.08
C ILE A 40 20.27 8.73 6.07
N ARG A 41 19.51 8.94 5.02
CA ARG A 41 19.38 8.00 3.96
C ARG A 41 20.67 7.73 3.20
N GLU A 42 21.52 8.71 3.00
CA GLU A 42 22.81 8.48 2.38
C GLU A 42 23.69 7.58 3.22
N GLN A 43 23.73 7.85 4.50
CA GLN A 43 24.44 7.07 5.44
C GLN A 43 23.92 5.64 5.54
N TYR A 44 22.61 5.45 5.45
CA TYR A 44 22.07 4.12 5.52
C TYR A 44 22.59 3.25 4.40
N ARG A 45 22.65 3.78 3.19
CA ARG A 45 23.15 3.08 2.04
C ARG A 45 24.60 2.75 2.18
N ALA A 46 25.37 3.69 2.66
CA ALA A 46 26.75 3.47 2.88
C ALA A 46 27.05 2.47 3.97
N ARG A 47 26.12 2.24 4.89
CA ARG A 47 26.35 1.43 6.06
C ARG A 47 25.55 0.15 6.19
N GLY A 48 25.11 -0.40 5.08
CA GLY A 48 24.26 -1.57 5.10
C GLY A 48 22.92 -1.56 5.76
N TYR A 49 22.16 -0.50 5.59
CA TYR A 49 20.83 -0.49 6.06
C TYR A 49 19.97 -0.49 4.82
N THR A 50 18.81 -1.09 4.89
CA THR A 50 17.81 -0.97 3.86
C THR A 50 16.55 -0.40 4.45
N GLU A 51 16.05 0.69 3.91
CA GLU A 51 14.81 1.26 4.38
C GLU A 51 13.60 0.56 3.84
N VAL A 52 12.59 0.40 4.64
CA VAL A 52 11.40 -0.31 4.29
C VAL A 52 10.22 0.52 4.67
N ILE A 53 9.05 0.13 4.21
CA ILE A 53 7.84 0.84 4.50
C ILE A 53 6.85 -0.08 5.12
N THR A 54 6.10 0.45 6.06
CA THR A 54 5.23 -0.34 6.87
C THR A 54 3.86 0.25 7.08
N PRO A 55 2.93 -0.55 7.54
CA PRO A 55 1.57 -0.09 7.82
C PRO A 55 1.50 0.86 9.00
N ASN A 56 0.47 1.68 9.09
CA ASN A 56 0.34 2.61 10.18
C ASN A 56 -0.70 2.21 11.25
N ILE A 57 -1.65 1.39 10.88
CA ILE A 57 -2.66 0.92 11.79
C ILE A 57 -2.64 -0.59 11.83
N PHE A 58 -2.91 -1.17 12.97
CA PHE A 58 -2.91 -2.61 13.17
C PHE A 58 -4.03 -3.05 14.07
N ASN A 59 -4.43 -4.29 13.89
CA ASN A 59 -5.35 -4.96 14.73
C ASN A 59 -4.70 -5.02 16.08
N MET A 60 -5.50 -4.96 17.13
CA MET A 60 -5.00 -4.96 18.47
C MET A 60 -4.21 -6.21 18.87
N GLU A 61 -4.46 -7.31 18.20
CA GLU A 61 -3.77 -8.53 18.48
C GLU A 61 -2.27 -8.45 18.25
N LEU A 62 -1.84 -7.55 17.39
CA LEU A 62 -0.43 -7.27 17.26
C LEU A 62 0.16 -6.59 18.48
N TRP A 63 -0.53 -5.61 19.00
CA TRP A 63 -0.14 -4.95 20.22
C TRP A 63 -0.20 -5.84 21.48
N ASN A 64 -1.10 -6.81 21.51
CA ASN A 64 -1.17 -7.81 22.55
C ASN A 64 0.04 -8.70 22.57
N ILE A 65 0.48 -9.09 21.40
CA ILE A 65 1.69 -9.84 21.27
C ILE A 65 2.92 -9.07 21.69
N SER A 66 3.04 -7.84 21.25
CA SER A 66 4.21 -7.05 21.50
C SER A 66 4.43 -6.65 22.97
N GLY A 67 3.36 -6.57 23.73
CA GLY A 67 3.36 -6.01 25.04
C GLY A 67 2.77 -4.62 25.14
N HIS A 68 2.47 -4.02 24.01
CA HIS A 68 1.92 -2.70 23.96
C HIS A 68 0.59 -2.62 24.60
N ALA A 69 -0.22 -3.62 24.45
CA ALA A 69 -1.51 -3.61 25.05
C ALA A 69 -1.44 -3.58 26.56
N LYS A 70 -0.52 -4.32 27.15
CA LYS A 70 -0.30 -4.20 28.54
C LYS A 70 0.28 -2.89 29.02
N HIS A 71 1.42 -2.59 28.46
CA HIS A 71 2.24 -1.49 28.87
C HIS A 71 1.97 -0.13 28.29
N TYR A 72 1.37 -0.04 27.13
CA TYR A 72 1.34 1.22 26.41
C TYR A 72 0.02 1.75 25.97
N LYS A 73 -1.05 1.07 26.29
CA LYS A 73 -2.31 1.34 25.68
C LYS A 73 -2.85 2.72 25.91
N GLU A 74 -2.59 3.29 27.06
CA GLU A 74 -3.08 4.60 27.37
C GLU A 74 -2.35 5.67 26.61
N ASN A 75 -1.24 5.32 26.00
CA ASN A 75 -0.50 6.20 25.14
C ASN A 75 -0.79 6.01 23.67
N MET A 76 -1.88 5.32 23.36
CA MET A 76 -2.18 4.93 22.01
C MET A 76 -3.55 5.40 21.62
N PHE A 77 -3.77 5.62 20.33
CA PHE A 77 -5.09 5.90 19.78
C PHE A 77 -5.73 4.65 19.18
N VAL A 78 -6.86 4.31 19.72
CA VAL A 78 -7.52 3.06 19.52
C VAL A 78 -8.88 3.33 18.96
N PHE A 79 -9.30 2.52 18.02
CA PHE A 79 -10.57 2.67 17.35
C PHE A 79 -11.02 1.31 16.85
N ASP A 80 -12.20 1.23 16.30
CA ASP A 80 -12.81 -0.01 15.91
C ASP A 80 -12.81 -0.12 14.43
N VAL A 81 -12.46 -1.27 13.94
CA VAL A 81 -12.62 -1.54 12.54
C VAL A 81 -13.36 -2.82 12.40
N GLU A 82 -14.56 -2.72 11.90
CA GLU A 82 -15.35 -3.89 11.61
C GLU A 82 -15.53 -4.67 12.88
N GLY A 83 -15.67 -3.94 13.95
CA GLY A 83 -15.87 -4.52 15.26
C GLY A 83 -14.64 -4.98 16.00
N GLN A 84 -13.48 -4.83 15.41
CA GLN A 84 -12.25 -5.19 16.10
C GLN A 84 -11.42 -4.02 16.48
N GLU A 85 -10.72 -4.17 17.58
CA GLU A 85 -9.83 -3.15 18.05
C GLU A 85 -8.62 -2.91 17.18
N TYR A 86 -8.35 -1.66 16.97
CA TYR A 86 -7.25 -1.24 16.19
C TYR A 86 -6.52 -0.07 16.83
N ALA A 87 -5.25 0.04 16.54
CA ALA A 87 -4.49 1.16 16.96
C ALA A 87 -3.55 1.69 15.92
N LEU A 88 -3.30 2.98 15.96
CA LEU A 88 -2.22 3.63 15.28
C LEU A 88 -0.93 3.26 15.94
N LYS A 89 0.12 2.99 15.17
CA LYS A 89 1.35 2.54 15.79
C LYS A 89 2.05 3.61 16.57
N PRO A 90 2.43 3.29 17.78
CA PRO A 90 3.30 4.15 18.53
C PRO A 90 4.73 3.79 18.26
N MET A 91 4.98 2.59 17.78
CA MET A 91 6.31 2.12 17.41
C MET A 91 6.31 1.25 16.16
N ASN A 92 7.41 1.22 15.46
CA ASN A 92 7.60 0.39 14.28
C ASN A 92 8.19 -0.93 14.65
N CYS A 93 8.60 -1.06 15.89
CA CYS A 93 9.51 -2.08 16.34
C CYS A 93 8.74 -3.50 16.04
N PRO A 94 7.45 -3.66 16.29
CA PRO A 94 6.70 -4.88 15.90
C PRO A 94 6.44 -5.27 14.43
N ALA A 95 6.22 -4.31 13.57
CA ALA A 95 6.12 -4.48 12.15
C ALA A 95 7.39 -4.96 11.54
N ALA A 96 8.50 -4.53 12.07
CA ALA A 96 9.77 -4.98 11.62
C ALA A 96 9.98 -6.45 11.86
N SER A 97 9.41 -6.97 12.91
CA SER A 97 9.46 -8.36 13.18
C SER A 97 8.70 -9.19 12.18
N LEU A 98 7.54 -8.75 11.79
CA LEU A 98 6.77 -9.41 10.78
C LEU A 98 7.50 -9.44 9.49
N MET A 99 8.22 -8.40 9.16
CA MET A 99 9.04 -8.39 7.99
C MET A 99 10.14 -9.38 8.00
N PHE A 100 10.77 -9.55 9.12
CA PHE A 100 11.83 -10.49 9.32
C PHE A 100 11.31 -11.90 9.10
N ASP A 101 10.08 -12.11 9.51
CA ASP A 101 9.47 -13.40 9.52
C ASP A 101 8.83 -13.74 8.21
N PHE A 102 8.98 -12.89 7.23
CA PHE A 102 8.38 -13.08 5.95
C PHE A 102 8.94 -14.29 5.25
N ARG A 103 10.21 -14.52 5.38
CA ARG A 103 10.82 -15.65 4.78
C ARG A 103 11.89 -16.15 5.72
N GLN A 104 12.32 -17.37 5.56
CA GLN A 104 13.32 -17.93 6.41
C GLN A 104 14.62 -17.25 6.15
N ARG A 105 15.38 -17.03 7.21
CA ARG A 105 16.60 -16.28 7.10
C ARG A 105 17.70 -17.10 7.60
N SER A 106 18.90 -16.77 7.20
CA SER A 106 20.01 -17.63 7.44
C SER A 106 21.14 -16.89 8.09
N TYR A 107 22.08 -17.62 8.64
CA TYR A 107 23.22 -17.07 9.29
C TYR A 107 23.98 -16.26 8.29
N ARG A 108 23.81 -16.58 7.03
CA ARG A 108 24.46 -15.86 5.96
C ARG A 108 24.00 -14.42 5.87
N GLU A 109 22.69 -14.22 6.06
CA GLU A 109 22.10 -12.90 5.98
C GLU A 109 22.54 -12.00 7.13
N LEU A 110 22.70 -12.53 8.34
CA LEU A 110 22.96 -11.67 9.51
C LEU A 110 24.22 -10.77 9.41
N PRO A 111 24.12 -9.51 9.87
CA PRO A 111 22.87 -8.91 10.35
C PRO A 111 21.95 -8.36 9.28
N ILE A 112 20.69 -8.38 9.62
CA ILE A 112 19.66 -7.70 8.84
C ILE A 112 19.36 -6.35 9.47
N ARG A 113 19.54 -5.29 8.73
CA ARG A 113 19.22 -3.97 9.24
C ARG A 113 18.10 -3.27 8.52
N TYR A 114 16.91 -3.22 9.09
CA TYR A 114 15.81 -2.47 8.49
C TYR A 114 15.56 -1.08 9.08
N ALA A 115 15.69 -0.04 8.28
CA ALA A 115 15.29 1.30 8.65
C ALA A 115 13.83 1.57 8.36
N ASP A 116 13.18 2.24 9.25
CA ASP A 116 11.84 2.71 9.02
C ASP A 116 11.68 4.14 9.41
N CYS A 117 11.22 4.96 8.50
CA CYS A 117 10.96 6.35 8.78
C CYS A 117 9.51 6.69 8.93
N GLY A 118 8.71 5.73 9.33
CA GLY A 118 7.29 5.87 9.43
C GLY A 118 6.68 6.75 10.47
N VAL A 119 5.48 7.21 10.21
CA VAL A 119 4.74 8.03 11.13
C VAL A 119 4.18 7.30 12.35
N LEU A 120 4.43 7.87 13.52
CA LEU A 120 3.99 7.34 14.77
C LEU A 120 3.12 8.31 15.56
N HIS A 121 2.21 7.79 16.32
CA HIS A 121 1.34 8.59 17.14
C HIS A 121 1.35 8.10 18.57
N ARG A 122 1.41 9.00 19.51
CA ARG A 122 1.32 8.66 20.89
C ARG A 122 0.34 9.60 21.48
N ASN A 123 -0.54 9.12 22.31
CA ASN A 123 -1.61 9.92 22.81
C ASN A 123 -1.33 10.70 24.11
N GLU A 124 -0.59 11.78 24.01
CA GLU A 124 -0.35 12.69 25.10
C GLU A 124 -1.48 13.64 25.41
N LEU A 125 -1.65 14.02 26.67
CA LEU A 125 -2.64 15.00 27.07
C LEU A 125 -2.42 16.35 26.42
N SER A 126 -3.48 16.94 25.92
CA SER A 126 -3.38 18.08 25.04
C SER A 126 -2.75 19.32 25.64
N GLY A 127 -3.06 19.59 26.89
CA GLY A 127 -2.48 20.69 27.61
C GLY A 127 -0.99 20.60 27.74
N ALA A 128 -0.45 19.41 27.76
CA ALA A 128 0.95 19.21 27.88
C ALA A 128 1.73 19.33 26.60
N LEU A 129 1.06 19.50 25.48
CA LEU A 129 1.76 19.39 24.20
C LEU A 129 2.33 20.72 23.75
N THR A 130 3.61 20.98 24.05
CA THR A 130 4.17 22.24 23.56
C THR A 130 5.26 22.07 22.52
N GLY A 131 5.10 22.69 21.34
CA GLY A 131 6.18 22.70 20.38
C GLY A 131 6.57 21.42 19.72
N LEU A 132 7.84 21.25 19.42
CA LEU A 132 8.28 20.01 18.87
C LEU A 132 8.79 19.06 19.90
N THR A 133 9.09 19.55 21.08
CA THR A 133 9.52 18.68 22.15
C THR A 133 8.50 17.68 22.65
N ARG A 134 7.24 18.01 22.63
CA ARG A 134 6.24 17.08 23.05
C ARG A 134 5.08 17.07 22.08
N VAL A 135 5.02 16.04 21.26
CA VAL A 135 4.12 15.97 20.15
C VAL A 135 3.37 14.69 20.18
N ARG A 136 2.19 14.67 19.63
CA ARG A 136 1.52 13.47 19.24
C ARG A 136 2.11 12.70 18.08
N ARG A 137 2.59 13.40 17.06
CA ARG A 137 2.95 12.85 15.79
C ARG A 137 4.41 13.10 15.41
N PHE A 138 5.11 12.06 15.00
CA PHE A 138 6.50 12.18 14.70
C PHE A 138 6.97 11.09 13.80
N GLN A 139 8.14 11.30 13.22
CA GLN A 139 8.82 10.30 12.49
C GLN A 139 10.16 10.11 13.15
N GLN A 140 10.41 8.92 13.59
CA GLN A 140 11.70 8.54 14.09
C GLN A 140 12.62 8.12 13.01
N ASP A 141 13.90 8.28 13.23
CA ASP A 141 14.86 7.59 12.42
C ASP A 141 15.15 6.22 13.00
N ASP A 142 14.11 5.42 13.10
CA ASP A 142 14.14 4.10 13.63
C ASP A 142 14.81 3.14 12.71
N ALA A 143 15.57 2.25 13.25
CA ALA A 143 16.03 1.07 12.61
C ALA A 143 16.06 0.11 13.78
N HIS A 144 15.68 -1.14 13.51
CA HIS A 144 15.63 -2.20 14.50
C HIS A 144 16.44 -3.34 13.92
N ILE A 145 17.59 -3.59 14.52
CA ILE A 145 18.66 -4.42 13.85
C ILE A 145 18.57 -5.90 14.27
N PHE A 146 18.76 -6.84 13.37
CA PHE A 146 18.59 -8.24 13.68
C PHE A 146 19.86 -9.01 13.53
N CYS A 147 20.36 -9.61 14.60
CA CYS A 147 21.65 -10.25 14.53
C CYS A 147 21.89 -11.44 15.42
N ARG A 148 22.94 -12.17 15.13
CA ARG A 148 23.40 -13.24 15.97
C ARG A 148 24.00 -12.67 17.24
N ASP A 149 23.95 -13.42 18.33
CA ASP A 149 24.45 -12.97 19.62
C ASP A 149 25.94 -12.69 19.61
N ASP A 150 26.67 -13.29 18.71
CA ASP A 150 28.08 -13.03 18.61
C ASP A 150 28.36 -11.77 17.88
N GLN A 151 27.34 -11.18 17.31
CA GLN A 151 27.52 -10.04 16.43
C GLN A 151 27.30 -8.68 17.13
N ILE A 152 26.95 -8.72 18.39
CA ILE A 152 26.58 -7.55 19.08
C ILE A 152 27.64 -6.47 19.21
N LYS A 153 28.84 -6.85 19.58
CA LYS A 153 29.88 -5.88 19.80
C LYS A 153 30.23 -5.15 18.51
N LYS A 154 30.36 -5.89 17.45
CA LYS A 154 30.66 -5.33 16.17
C LYS A 154 29.57 -4.42 15.66
N GLU A 155 28.32 -4.82 15.81
CA GLU A 155 27.19 -4.00 15.41
C GLU A 155 27.00 -2.74 16.21
N VAL A 156 27.17 -2.83 17.49
CA VAL A 156 27.19 -1.68 18.35
C VAL A 156 28.33 -0.72 18.11
N LEU A 157 29.50 -1.22 17.84
CA LEU A 157 30.61 -0.40 17.51
C LEU A 157 30.40 0.39 16.24
N ASP A 158 29.82 -0.27 15.26
CA ASP A 158 29.43 0.32 14.03
C ASP A 158 28.37 1.38 14.18
N PHE A 159 27.41 1.16 15.05
CA PHE A 159 26.42 2.15 15.35
C PHE A 159 26.98 3.39 16.00
N LEU A 160 27.87 3.21 16.93
CA LEU A 160 28.44 4.30 17.63
C LEU A 160 29.24 5.13 16.71
N SER A 161 29.92 4.48 15.81
CA SER A 161 30.66 5.16 14.82
C SER A 161 29.80 5.98 13.83
N PHE A 162 28.67 5.43 13.44
CA PHE A 162 27.70 6.07 12.61
C PHE A 162 27.14 7.27 13.33
N MET A 163 26.79 7.10 14.58
CA MET A 163 26.27 8.13 15.39
C MET A 163 27.22 9.29 15.67
N LYS A 164 28.47 9.03 15.97
CA LYS A 164 29.42 10.09 16.18
C LYS A 164 29.58 10.85 14.94
N TYR A 165 29.57 10.16 13.83
CA TYR A 165 29.70 10.77 12.56
C TYR A 165 28.60 11.77 12.22
N VAL A 166 27.37 11.44 12.53
CA VAL A 166 26.28 12.37 12.35
C VAL A 166 26.35 13.58 13.27
N TYR A 167 26.58 13.34 14.52
CA TYR A 167 26.69 14.37 15.50
C TYR A 167 27.86 15.29 15.21
N ASP A 168 28.94 14.77 14.69
CA ASP A 168 30.11 15.56 14.40
C ASP A 168 29.83 16.60 13.38
N VAL A 169 28.94 16.29 12.47
CA VAL A 169 28.56 17.16 11.40
C VAL A 169 27.94 18.42 11.99
N PHE A 170 27.19 18.27 13.06
CA PHE A 170 26.57 19.38 13.73
C PHE A 170 27.30 20.02 14.88
N GLY A 171 28.46 19.53 15.24
CA GLY A 171 29.16 20.04 16.37
C GLY A 171 28.59 19.63 17.69
N ILE A 172 27.90 18.52 17.71
CA ILE A 172 27.13 18.07 18.83
C ILE A 172 27.90 17.03 19.59
N GLU A 173 27.72 17.00 20.87
CA GLU A 173 28.53 16.16 21.71
C GLU A 173 27.70 15.17 22.38
N PHE A 174 28.34 14.09 22.78
CA PHE A 174 27.64 13.00 23.38
C PHE A 174 28.33 12.44 24.59
N ASN A 175 27.56 11.78 25.42
CA ASN A 175 28.09 11.00 26.51
C ASN A 175 27.38 9.69 26.53
N LEU A 176 28.05 8.62 26.92
CA LEU A 176 27.51 7.29 26.87
C LEU A 176 27.40 6.61 28.23
N GLU A 177 26.27 6.02 28.55
CA GLU A 177 26.12 5.19 29.75
C GLU A 177 25.58 3.84 29.42
N LEU A 178 25.91 2.87 30.24
CA LEU A 178 25.41 1.53 30.09
C LEU A 178 24.45 1.16 31.19
N SER A 179 23.24 0.82 30.85
CA SER A 179 22.27 0.41 31.82
C SER A 179 22.11 -1.09 31.88
N THR A 180 22.42 -1.68 33.01
CA THR A 180 22.40 -3.12 33.15
C THR A 180 21.15 -3.75 33.68
N ARG A 181 21.18 -5.04 33.82
CA ARG A 181 20.00 -5.82 34.05
C ARG A 181 19.27 -5.40 35.28
N PRO A 182 17.98 -5.20 35.17
CA PRO A 182 17.14 -4.89 36.32
C PRO A 182 16.84 -6.07 37.20
N GLU A 183 16.29 -5.83 38.36
CA GLU A 183 15.84 -6.91 39.21
C GLU A 183 14.75 -7.74 38.58
N LYS A 184 13.76 -7.10 38.00
CA LYS A 184 12.80 -7.84 37.21
C LYS A 184 13.15 -7.75 35.73
N ALA A 185 13.81 -8.78 35.24
CA ALA A 185 14.27 -8.84 33.89
C ALA A 185 13.79 -10.17 33.39
N MET A 186 13.69 -10.33 32.08
CA MET A 186 13.09 -11.52 31.54
C MET A 186 13.99 -12.46 30.82
N GLY A 187 15.25 -12.20 30.72
CA GLY A 187 16.00 -13.12 29.92
C GLY A 187 16.36 -14.42 30.62
N GLU A 188 17.10 -15.25 29.95
CA GLU A 188 17.91 -16.19 30.60
C GLU A 188 19.08 -15.37 30.99
N LEU A 189 19.71 -15.74 32.07
CA LEU A 189 20.83 -14.99 32.58
C LEU A 189 21.99 -14.92 31.65
N GLU A 190 22.20 -15.97 30.90
CA GLU A 190 23.34 -16.08 30.07
C GLU A 190 23.33 -15.04 29.02
N GLN A 191 22.19 -14.84 28.39
CA GLN A 191 22.11 -13.92 27.29
C GLN A 191 22.36 -12.49 27.70
N TRP A 192 21.90 -12.12 28.86
CA TRP A 192 22.18 -10.86 29.41
C TRP A 192 23.66 -10.70 29.62
N GLU A 193 24.31 -11.70 30.15
CA GLU A 193 25.71 -11.59 30.45
C GLU A 193 26.54 -11.45 29.24
N ARG A 194 26.21 -12.27 28.27
CA ARG A 194 26.96 -12.28 27.07
C ARG A 194 26.84 -10.94 26.40
N ALA A 195 25.66 -10.40 26.39
CA ALA A 195 25.38 -9.13 25.78
C ALA A 195 26.06 -7.95 26.42
N GLU A 196 25.96 -7.91 27.73
CA GLU A 196 26.48 -6.87 28.58
C GLU A 196 27.96 -6.79 28.48
N SER A 197 28.59 -7.94 28.38
CA SER A 197 29.99 -8.01 28.17
C SER A 197 30.41 -7.44 26.85
N GLN A 198 29.65 -7.74 25.81
CA GLN A 198 29.87 -7.17 24.51
C GLN A 198 29.67 -5.67 24.48
N LEU A 199 28.65 -5.17 25.13
CA LEU A 199 28.46 -3.74 25.17
C LEU A 199 29.58 -2.97 25.85
N ALA A 200 30.04 -3.47 26.97
CA ALA A 200 31.10 -2.88 27.71
C ALA A 200 32.34 -2.88 26.91
N GLU A 201 32.54 -3.92 26.15
CA GLU A 201 33.65 -4.02 25.26
C GLU A 201 33.68 -3.03 24.13
N ALA A 202 32.54 -2.81 23.50
CA ALA A 202 32.42 -1.79 22.50
C ALA A 202 32.67 -0.43 23.08
N LEU A 203 32.12 -0.20 24.26
CA LEU A 203 32.32 1.05 24.93
C LEU A 203 33.75 1.29 25.25
N ASP A 204 34.44 0.26 25.66
CA ASP A 204 35.84 0.39 25.98
C ASP A 204 36.65 0.72 24.78
N GLU A 205 36.38 0.05 23.68
CA GLU A 205 37.02 0.35 22.44
C GLU A 205 36.68 1.72 21.88
N PHE A 206 35.42 2.10 21.93
CA PHE A 206 34.98 3.33 21.33
C PHE A 206 35.48 4.58 22.00
N VAL A 207 35.23 4.67 23.31
CA VAL A 207 35.66 5.78 24.12
C VAL A 207 36.74 5.51 25.16
N GLY A 208 36.97 4.25 25.48
CA GLY A 208 37.90 3.90 26.53
C GLY A 208 37.29 3.74 27.91
N ALA A 209 38.01 3.06 28.78
CA ALA A 209 37.52 2.63 30.06
C ALA A 209 37.12 3.79 30.92
N GLY A 210 37.85 4.86 30.78
CA GLY A 210 37.57 6.05 31.51
C GLY A 210 36.25 6.74 31.25
N LYS A 211 35.82 6.75 30.01
CA LYS A 211 34.89 7.75 29.57
C LYS A 211 33.43 7.40 29.53
N TRP A 212 33.05 6.29 30.11
CA TRP A 212 31.68 5.94 30.17
C TRP A 212 31.34 5.45 31.56
N VAL A 213 30.08 5.42 31.88
CA VAL A 213 29.66 5.12 33.20
C VAL A 213 28.58 4.07 33.16
N VAL A 214 28.42 3.33 34.23
CA VAL A 214 27.43 2.29 34.27
C VAL A 214 26.29 2.60 35.23
N ASN A 215 25.07 2.35 34.82
CA ASN A 215 23.98 2.44 35.74
C ASN A 215 23.44 1.10 36.01
N PRO A 216 23.89 0.53 37.09
CA PRO A 216 23.52 -0.83 37.38
C PRO A 216 22.04 -0.93 37.61
N GLY A 217 21.43 -1.91 36.99
CA GLY A 217 20.04 -2.21 37.18
C GLY A 217 19.06 -1.26 36.58
N ASP A 218 19.52 -0.42 35.69
CA ASP A 218 18.68 0.57 35.04
C ASP A 218 18.28 0.15 33.65
N GLY A 219 18.54 -1.09 33.33
CA GLY A 219 18.19 -1.66 32.07
C GLY A 219 16.71 -1.87 31.98
N ALA A 220 16.25 -2.14 30.78
CA ALA A 220 14.88 -2.47 30.56
C ALA A 220 14.67 -3.90 30.93
N PHE A 221 13.46 -4.25 31.23
CA PHE A 221 13.14 -5.60 31.55
C PHE A 221 13.44 -6.54 30.42
N TYR A 222 13.36 -6.05 29.21
CA TYR A 222 13.63 -6.85 28.04
C TYR A 222 15.02 -6.72 27.46
N GLY A 223 15.81 -5.80 27.94
CA GLY A 223 17.16 -5.73 27.49
C GLY A 223 18.11 -4.77 28.12
N PRO A 224 19.38 -4.92 27.88
CA PRO A 224 20.37 -3.90 28.22
C PRO A 224 20.45 -2.77 27.21
N LYS A 225 20.73 -1.57 27.65
CA LYS A 225 20.83 -0.49 26.71
C LYS A 225 22.03 0.38 26.94
N ILE A 226 22.42 1.13 25.95
CA ILE A 226 23.40 2.15 26.16
C ILE A 226 22.65 3.46 26.11
N ASP A 227 22.76 4.23 27.18
CA ASP A 227 22.18 5.56 27.27
C ASP A 227 23.05 6.47 26.50
N ILE A 228 22.47 7.27 25.63
CA ILE A 228 23.22 8.29 24.99
C ILE A 228 22.64 9.65 25.30
N MET A 229 23.49 10.57 25.71
CA MET A 229 23.07 11.90 25.98
C MET A 229 23.89 12.82 25.14
N ILE A 230 23.24 13.81 24.54
CA ILE A 230 23.93 14.73 23.68
C ILE A 230 23.84 16.09 24.27
N THR A 231 24.83 16.91 24.00
CA THR A 231 24.89 18.23 24.52
C THR A 231 24.98 19.27 23.42
N ASP A 232 24.08 20.22 23.45
CA ASP A 232 24.12 21.36 22.55
C ASP A 232 24.99 22.54 22.94
N ALA A 233 25.06 23.53 22.09
CA ALA A 233 25.92 24.65 22.25
C ALA A 233 25.56 25.53 23.42
N LEU A 234 24.35 25.36 23.90
CA LEU A 234 23.84 26.06 25.04
C LEU A 234 24.04 25.28 26.31
N LYS A 235 24.77 24.18 26.22
CA LYS A 235 24.94 23.20 27.29
C LYS A 235 23.67 22.60 27.85
N ARG A 236 22.78 22.20 26.97
CA ARG A 236 21.56 21.57 27.31
C ARG A 236 21.72 20.18 26.85
N GLN A 237 21.13 19.26 27.56
CA GLN A 237 21.34 17.89 27.33
C GLN A 237 20.04 17.32 26.86
N HIS A 238 20.13 16.47 25.86
CA HIS A 238 18.98 15.84 25.22
C HIS A 238 19.26 14.38 25.11
N GLN A 239 18.24 13.56 25.12
CA GLN A 239 18.42 12.20 24.69
C GLN A 239 17.76 11.96 23.34
N CYS A 240 18.56 11.68 22.34
CA CYS A 240 18.05 11.41 21.02
C CYS A 240 18.44 10.04 20.56
N ALA A 241 19.71 9.74 20.65
CA ALA A 241 20.22 8.43 20.33
C ALA A 241 19.91 7.42 21.38
N THR A 242 19.72 6.18 20.96
CA THR A 242 19.69 5.07 21.87
C THR A 242 20.14 3.77 21.24
N VAL A 243 20.61 2.83 22.03
CA VAL A 243 20.83 1.49 21.56
C VAL A 243 20.19 0.63 22.59
N GLN A 244 19.21 -0.13 22.22
CA GLN A 244 18.49 -0.92 23.17
C GLN A 244 18.33 -2.28 22.61
N LEU A 245 18.93 -3.26 23.23
CA LEU A 245 18.67 -4.65 22.94
C LEU A 245 17.34 -5.14 23.48
N ASP A 246 16.79 -6.12 22.82
CA ASP A 246 15.54 -6.68 23.17
C ASP A 246 15.65 -8.18 23.08
N PHE A 247 15.31 -8.89 24.15
CA PHE A 247 15.30 -10.32 24.13
C PHE A 247 13.87 -10.80 24.10
N GLN A 248 12.93 -9.94 24.42
CA GLN A 248 11.55 -10.31 24.45
C GLN A 248 10.90 -10.31 23.09
N LEU A 249 11.14 -9.17 22.43
CA LEU A 249 10.79 -8.89 21.06
C LEU A 249 10.98 -10.10 20.21
N PRO A 250 12.13 -10.78 20.27
CA PRO A 250 12.10 -11.93 19.37
C PRO A 250 11.31 -13.18 19.76
N ILE A 251 11.15 -13.46 21.02
CA ILE A 251 10.43 -14.61 21.43
C ILE A 251 8.99 -14.49 21.03
N ARG A 252 8.44 -13.33 21.28
CA ARG A 252 7.04 -13.05 21.13
C ARG A 252 6.58 -13.27 19.73
N PHE A 253 7.44 -12.97 18.80
CA PHE A 253 7.11 -13.06 17.41
C PHE A 253 7.69 -14.28 16.72
N ASN A 254 8.30 -15.13 17.53
CA ASN A 254 8.81 -16.40 17.10
C ASN A 254 9.84 -16.29 16.02
N LEU A 255 10.74 -15.36 16.15
CA LEU A 255 11.76 -15.17 15.17
C LEU A 255 12.90 -16.18 15.24
N LYS A 256 13.41 -16.57 14.10
CA LYS A 256 14.53 -17.46 14.07
C LYS A 256 15.33 -17.34 12.82
N TYR A 257 16.54 -17.81 12.91
CA TYR A 257 17.34 -17.96 11.76
C TYR A 257 18.04 -19.29 11.79
N ARG A 258 18.38 -19.75 10.61
CA ARG A 258 19.09 -20.96 10.42
C ARG A 258 20.54 -20.69 10.65
N THR A 259 21.17 -21.49 11.49
CA THR A 259 22.59 -21.37 11.82
C THR A 259 23.48 -22.17 10.93
N ASP A 260 22.92 -23.14 10.30
CA ASP A 260 23.83 -23.88 9.56
C ASP A 260 23.04 -24.29 8.43
N ASP A 261 23.70 -25.09 7.67
CA ASP A 261 23.16 -25.69 6.52
C ASP A 261 22.73 -27.11 6.91
N ALA A 262 22.37 -27.23 8.17
CA ALA A 262 21.66 -28.37 8.71
C ALA A 262 20.31 -27.92 9.24
N ASP A 263 19.89 -28.49 10.35
CA ASP A 263 18.52 -28.37 10.83
C ASP A 263 18.28 -27.48 12.04
N ASN A 264 19.14 -26.51 12.24
CA ASN A 264 19.18 -25.84 13.52
C ASN A 264 18.86 -24.38 13.51
N PHE A 265 18.04 -23.96 14.45
CA PHE A 265 17.58 -22.61 14.46
C PHE A 265 17.80 -21.94 15.78
N LYS A 266 18.07 -20.66 15.73
CA LYS A 266 18.35 -19.87 16.90
C LYS A 266 17.56 -18.64 16.77
N ARG A 267 17.34 -17.95 17.85
CA ARG A 267 16.76 -16.63 17.80
C ARG A 267 17.76 -15.50 17.54
N PRO A 268 17.36 -14.49 16.79
CA PRO A 268 18.20 -13.34 16.57
C PRO A 268 18.14 -12.42 17.75
N VAL A 269 19.09 -11.53 17.87
CA VAL A 269 18.95 -10.46 18.81
C VAL A 269 18.39 -9.27 18.06
N ILE A 270 17.57 -8.48 18.72
CA ILE A 270 17.04 -7.25 18.17
C ILE A 270 17.70 -6.06 18.84
N ILE A 271 18.18 -5.11 18.04
CA ILE A 271 18.58 -3.82 18.56
C ILE A 271 17.72 -2.73 18.00
N HIS A 272 16.96 -2.05 18.86
CA HIS A 272 16.18 -0.90 18.45
C HIS A 272 17.02 0.36 18.60
N ARG A 273 17.46 0.92 17.48
CA ARG A 273 18.39 2.05 17.51
C ARG A 273 17.89 3.35 16.84
N ALA A 274 18.40 4.48 17.28
CA ALA A 274 18.11 5.79 16.71
C ALA A 274 19.24 6.78 16.90
N ILE A 275 19.30 7.82 16.10
CA ILE A 275 20.28 8.88 16.20
C ILE A 275 19.67 10.27 16.41
N TYR A 276 18.83 10.71 15.50
CA TYR A 276 18.03 11.89 15.62
C TYR A 276 17.05 11.74 16.72
N GLY A 277 16.61 10.52 16.94
CA GLY A 277 15.52 10.24 17.81
C GLY A 277 14.18 10.49 17.20
N SER A 278 13.84 11.71 16.90
CA SER A 278 12.80 11.99 15.95
C SER A 278 13.22 13.15 15.09
N LEU A 279 12.60 13.29 13.93
CA LEU A 279 12.98 14.34 12.99
C LEU A 279 12.39 15.66 13.45
N GLU A 280 11.28 15.57 14.17
CA GLU A 280 10.63 16.71 14.72
C GLU A 280 11.44 17.21 15.86
N ARG A 281 11.84 16.32 16.74
CA ARG A 281 12.69 16.64 17.84
C ARG A 281 14.12 17.08 17.51
N PHE A 282 14.77 16.46 16.54
CA PHE A 282 16.08 16.87 16.15
C PHE A 282 16.15 18.26 15.58
N VAL A 283 15.11 18.66 14.88
CA VAL A 283 15.00 20.00 14.36
C VAL A 283 14.91 21.03 15.46
N ALA A 284 14.13 20.73 16.47
CA ALA A 284 13.95 21.59 17.61
C ALA A 284 15.26 21.83 18.31
N VAL A 285 16.06 20.78 18.41
CA VAL A 285 17.38 20.85 18.96
C VAL A 285 18.25 21.74 18.13
N LEU A 286 18.31 21.53 16.84
CA LEU A 286 19.11 22.30 15.91
C LEU A 286 18.75 23.79 15.79
N VAL A 287 17.50 24.12 15.94
CA VAL A 287 17.09 25.49 15.87
C VAL A 287 17.70 26.32 16.97
N GLU A 288 17.57 25.83 18.20
CA GLU A 288 18.17 26.40 19.35
C GLU A 288 19.67 26.34 19.34
N HIS A 289 20.17 25.22 18.92
CA HIS A 289 21.56 24.97 18.90
C HIS A 289 22.22 25.97 18.01
N TYR A 290 21.62 26.26 16.87
CA TYR A 290 22.19 27.18 15.94
C TYR A 290 21.67 28.59 16.13
N ALA A 291 20.62 28.71 16.91
CA ALA A 291 19.92 29.95 17.12
C ALA A 291 19.33 30.50 15.83
N GLY A 292 18.96 29.61 14.95
CA GLY A 292 18.30 29.93 13.74
C GLY A 292 19.24 30.25 12.62
N LYS A 293 20.52 30.32 12.93
CA LYS A 293 21.55 30.49 11.94
C LYS A 293 22.15 29.16 11.51
N PHE A 294 21.50 28.51 10.56
CA PHE A 294 21.91 27.23 10.02
C PHE A 294 23.14 27.21 9.15
N PRO A 295 23.94 26.16 9.19
CA PRO A 295 25.08 26.05 8.31
C PRO A 295 24.64 25.86 6.88
N PHE A 296 25.49 26.18 5.92
CA PHE A 296 25.04 26.43 4.58
C PHE A 296 24.33 25.23 3.95
N TRP A 297 24.86 24.05 4.16
CA TRP A 297 24.30 22.88 3.55
C TRP A 297 22.89 22.67 3.98
N LEU A 298 22.59 22.95 5.22
CA LEU A 298 21.28 22.66 5.74
C LEU A 298 20.36 23.84 5.78
N SER A 299 20.84 24.97 5.37
CA SER A 299 20.07 26.18 5.45
C SER A 299 18.95 26.23 4.45
N PRO A 300 17.80 26.70 4.88
CA PRO A 300 16.73 26.94 3.94
C PRO A 300 16.79 28.32 3.31
N ARG A 301 17.74 29.15 3.70
CA ARG A 301 17.94 30.45 3.13
C ARG A 301 19.41 30.61 2.83
N GLN A 302 19.88 29.94 1.81
CA GLN A 302 21.28 29.97 1.47
C GLN A 302 21.86 31.23 0.89
N VAL A 303 21.18 31.77 -0.10
CA VAL A 303 21.60 32.93 -0.84
C VAL A 303 20.48 33.92 -1.02
N LEU A 304 20.72 35.17 -0.73
CA LEU A 304 19.85 36.23 -1.15
C LEU A 304 20.55 37.18 -2.13
N ILE A 305 19.90 37.39 -3.25
CA ILE A 305 20.41 38.32 -4.21
C ILE A 305 19.79 39.67 -3.95
N VAL A 306 20.65 40.68 -3.88
CA VAL A 306 20.21 42.07 -3.76
C VAL A 306 20.65 42.99 -4.90
N THR A 307 19.72 43.71 -5.44
CA THR A 307 19.95 44.49 -6.60
C THR A 307 20.09 45.93 -6.23
N VAL A 308 21.14 46.55 -6.74
CA VAL A 308 21.44 47.96 -6.58
C VAL A 308 20.50 48.90 -7.31
N GLY A 309 20.05 48.48 -8.46
CA GLY A 309 19.17 49.27 -9.26
C GLY A 309 18.18 48.50 -10.08
N ALA A 310 17.20 49.19 -10.61
CA ALA A 310 16.23 48.64 -11.52
C ALA A 310 16.91 48.17 -12.78
N ALA A 311 17.98 48.82 -13.13
CA ALA A 311 18.68 48.52 -14.32
C ALA A 311 19.41 47.22 -14.19
N PHE A 312 19.45 46.70 -12.98
CA PHE A 312 20.20 45.48 -12.77
C PHE A 312 19.39 44.24 -12.42
N VAL A 313 18.10 44.39 -12.32
CA VAL A 313 17.23 43.32 -11.88
C VAL A 313 17.24 42.09 -12.78
N ASP A 314 17.24 42.29 -14.07
CA ASP A 314 17.30 41.16 -14.98
C ASP A 314 18.58 40.32 -14.89
N TYR A 315 19.73 40.92 -14.67
CA TYR A 315 20.94 40.17 -14.41
C TYR A 315 20.83 39.42 -13.09
N GLY A 316 20.14 40.02 -12.16
CA GLY A 316 19.92 39.42 -10.88
C GLY A 316 19.10 38.16 -10.89
N TYR A 317 18.02 38.16 -11.64
CA TYR A 317 17.22 36.99 -11.84
C TYR A 317 18.04 35.97 -12.56
N GLU A 318 18.92 36.42 -13.40
CA GLU A 318 19.78 35.54 -14.10
C GLU A 318 20.66 34.85 -13.13
N VAL A 319 21.12 35.57 -12.14
CA VAL A 319 21.89 35.01 -11.05
C VAL A 319 21.13 34.05 -10.17
N LYS A 320 19.92 34.40 -9.84
CA LYS A 320 19.08 33.59 -9.05
C LYS A 320 18.76 32.29 -9.71
N ASP A 321 18.46 32.33 -10.99
CA ASP A 321 18.15 31.13 -11.68
C ASP A 321 19.34 30.20 -11.68
N ALA A 322 20.52 30.72 -11.90
CA ALA A 322 21.69 29.88 -11.95
C ALA A 322 21.98 29.23 -10.65
N MET A 323 21.75 29.98 -9.60
CA MET A 323 21.90 29.52 -8.26
C MET A 323 20.93 28.43 -7.93
N PHE A 324 19.69 28.60 -8.32
CA PHE A 324 18.69 27.59 -8.13
C PHE A 324 18.91 26.32 -8.89
N ARG A 325 19.34 26.45 -10.11
CA ARG A 325 19.64 25.35 -10.97
C ARG A 325 20.79 24.57 -10.40
N ALA A 326 21.57 25.26 -9.59
CA ALA A 326 22.71 24.69 -8.97
C ALA A 326 22.32 23.93 -7.72
N GLY A 327 21.07 24.01 -7.34
CA GLY A 327 20.63 23.33 -6.16
C GLY A 327 20.53 24.08 -4.87
N PHE A 328 20.52 25.39 -4.93
CA PHE A 328 20.53 26.22 -3.76
C PHE A 328 19.21 26.87 -3.51
N ASP A 329 18.90 27.08 -2.25
CA ASP A 329 17.71 27.77 -1.90
C ASP A 329 18.00 29.24 -1.89
N VAL A 330 17.38 29.95 -2.80
CA VAL A 330 17.78 31.28 -3.15
C VAL A 330 16.65 32.22 -3.43
N ASP A 331 16.83 33.46 -3.04
CA ASP A 331 15.83 34.48 -3.16
C ASP A 331 16.49 35.73 -3.65
N ILE A 332 15.66 36.64 -4.10
CA ILE A 332 16.09 37.93 -4.60
C ILE A 332 15.25 39.02 -4.05
N ASP A 333 15.88 40.10 -3.65
CA ASP A 333 15.21 41.33 -3.30
C ASP A 333 15.43 42.33 -4.40
N ASP A 334 14.38 42.64 -5.15
CA ASP A 334 14.42 43.56 -6.27
C ASP A 334 13.75 44.86 -5.97
N THR A 335 13.60 45.12 -4.70
CA THR A 335 12.82 46.17 -4.13
C THR A 335 13.50 47.48 -4.38
N GLY A 336 12.86 48.55 -3.98
CA GLY A 336 13.39 49.86 -4.23
C GLY A 336 14.25 50.34 -3.10
N LYS A 337 14.43 49.47 -2.13
CA LYS A 337 15.08 49.77 -0.88
C LYS A 337 16.54 50.08 -1.03
N THR A 338 17.08 50.74 -0.03
CA THR A 338 18.49 51.10 -0.03
C THR A 338 19.29 49.82 0.01
N LEU A 339 20.43 49.83 -0.64
CA LEU A 339 21.23 48.66 -0.70
C LEU A 339 21.67 48.27 0.69
N ASN A 340 22.00 49.25 1.52
CA ASN A 340 22.43 48.99 2.87
C ASN A 340 21.30 48.30 3.66
N LYS A 341 20.08 48.70 3.39
CA LYS A 341 18.94 48.11 4.03
C LYS A 341 18.71 46.69 3.62
N LYS A 342 18.85 46.42 2.35
CA LYS A 342 18.54 45.11 1.85
C LYS A 342 19.50 44.18 2.49
N ILE A 343 20.74 44.59 2.59
CA ILE A 343 21.73 43.74 3.14
C ILE A 343 21.44 43.43 4.60
N ARG A 344 21.14 44.41 5.39
CA ARG A 344 20.90 44.18 6.78
C ARG A 344 19.69 43.31 6.94
N GLU A 345 18.71 43.50 6.10
CA GLU A 345 17.54 42.66 6.14
C GLU A 345 17.80 41.21 5.80
N GLY A 346 18.62 40.94 4.82
CA GLY A 346 18.95 39.60 4.50
C GLY A 346 19.67 38.91 5.61
N GLN A 347 20.54 39.63 6.26
CA GLN A 347 21.32 39.15 7.37
C GLN A 347 20.51 38.81 8.60
N MET A 348 19.48 39.58 8.85
CA MET A 348 18.51 39.30 9.88
C MET A 348 17.66 38.09 9.60
N ALA A 349 17.32 37.90 8.34
CA ALA A 349 16.58 36.74 7.91
C ALA A 349 17.47 35.53 7.92
N HIS A 350 18.73 35.76 8.16
CA HIS A 350 19.69 34.73 8.32
C HIS A 350 20.22 34.05 7.08
N TYR A 351 20.17 34.68 5.93
CA TYR A 351 20.77 34.11 4.74
C TYR A 351 22.25 33.99 4.96
N ASN A 352 22.82 32.89 4.54
CA ASN A 352 24.21 32.67 4.64
C ASN A 352 24.99 33.65 3.81
N PHE A 353 24.48 33.99 2.65
CA PHE A 353 25.18 34.86 1.78
C PHE A 353 24.27 35.85 1.13
N ILE A 354 24.81 37.02 0.89
CA ILE A 354 24.15 38.04 0.19
C ILE A 354 24.96 38.30 -1.05
N LEU A 355 24.30 38.35 -2.17
CA LEU A 355 24.98 38.54 -3.39
C LEU A 355 24.56 39.86 -3.84
N VAL A 356 25.50 40.77 -3.89
CA VAL A 356 25.21 42.12 -4.30
C VAL A 356 25.50 42.21 -5.76
N VAL A 357 24.54 42.65 -6.53
CA VAL A 357 24.78 42.81 -7.94
C VAL A 357 24.46 44.19 -8.47
N GLY A 358 25.44 44.71 -9.18
CA GLY A 358 25.46 46.04 -9.69
C GLY A 358 26.11 45.99 -11.05
N ALA A 359 26.46 47.16 -11.55
CA ALA A 359 26.89 47.29 -12.92
C ALA A 359 28.13 46.51 -13.22
N HIS A 360 29.12 46.57 -12.35
CA HIS A 360 30.31 45.80 -12.55
C HIS A 360 30.02 44.32 -12.57
N GLU A 361 29.13 43.86 -11.71
CA GLU A 361 28.79 42.46 -11.68
C GLU A 361 28.10 41.98 -12.94
N LYS A 362 27.12 42.73 -13.40
CA LYS A 362 26.47 42.43 -14.66
C LYS A 362 27.45 42.52 -15.79
N GLU A 363 28.34 43.50 -15.75
CA GLU A 363 29.32 43.64 -16.79
C GLU A 363 30.18 42.40 -16.81
N THR A 364 30.51 41.90 -15.64
CA THR A 364 31.49 40.85 -15.53
C THR A 364 30.97 39.45 -15.34
N ARG A 365 29.65 39.31 -15.25
CA ARG A 365 29.07 38.03 -14.93
C ARG A 365 29.63 37.53 -13.60
N SER A 366 29.53 38.42 -12.62
CA SER A 366 30.17 38.37 -11.33
C SER A 366 29.14 38.61 -10.25
N VAL A 367 29.51 38.31 -9.03
CA VAL A 367 28.74 38.70 -7.87
C VAL A 367 29.66 39.29 -6.83
N ASN A 368 29.10 40.13 -5.98
CA ASN A 368 29.82 40.71 -4.89
C ASN A 368 29.22 40.19 -3.60
N ILE A 369 30.04 39.48 -2.85
CA ILE A 369 29.61 38.62 -1.77
C ILE A 369 29.81 39.14 -0.39
N ARG A 370 28.73 39.07 0.37
CA ARG A 370 28.68 39.33 1.78
C ARG A 370 28.12 38.16 2.57
N THR A 371 28.75 37.80 3.66
CA THR A 371 28.25 36.76 4.52
C THR A 371 27.17 37.22 5.46
N ARG A 372 26.62 36.28 6.18
CA ARG A 372 25.53 36.47 7.12
C ARG A 372 25.94 37.35 8.23
N ASP A 373 27.19 37.16 8.63
CA ASP A 373 27.79 37.81 9.77
C ASP A 373 28.50 39.09 9.40
N ASN A 374 27.91 39.85 8.49
CA ASN A 374 28.51 40.89 7.67
C ASN A 374 29.73 40.26 7.14
N LYS A 375 30.83 40.94 6.97
CA LYS A 375 32.02 40.30 6.44
C LYS A 375 32.07 40.25 4.94
N VAL A 376 33.02 40.95 4.38
CA VAL A 376 33.04 41.21 2.96
C VAL A 376 34.12 40.47 2.20
N THR A 377 33.67 39.41 1.57
CA THR A 377 34.41 38.51 0.73
C THR A 377 34.95 39.08 -0.55
N GLY A 378 34.24 40.02 -1.13
CA GLY A 378 34.66 40.50 -2.40
C GLY A 378 34.01 39.81 -3.56
N THR A 379 34.70 39.84 -4.67
CA THR A 379 34.12 39.61 -5.96
C THR A 379 34.45 38.23 -6.44
N LYS A 380 33.45 37.57 -6.98
CA LYS A 380 33.67 36.31 -7.61
C LYS A 380 32.87 36.26 -8.87
N THR A 381 33.33 35.47 -9.81
CA THR A 381 32.58 35.16 -10.99
C THR A 381 31.47 34.25 -10.60
N LEU A 382 30.42 34.24 -11.37
CA LEU A 382 29.27 33.50 -11.05
C LEU A 382 29.69 32.08 -10.96
N GLU A 383 30.61 31.68 -11.81
CA GLU A 383 31.12 30.34 -11.72
C GLU A 383 31.86 30.02 -10.44
N GLU A 384 32.71 30.92 -10.00
CA GLU A 384 33.47 30.68 -8.80
C GLU A 384 32.58 30.57 -7.59
N ALA A 385 31.58 31.41 -7.56
CA ALA A 385 30.64 31.43 -6.48
C ALA A 385 29.88 30.15 -6.37
N ILE A 386 29.40 29.62 -7.45
CA ILE A 386 28.70 28.37 -7.45
C ILE A 386 29.59 27.22 -7.05
N ALA A 387 30.81 27.25 -7.51
CA ALA A 387 31.77 26.28 -7.11
C ALA A 387 32.08 26.35 -5.63
N MET A 388 32.11 27.54 -5.10
CA MET A 388 32.35 27.76 -3.71
C MET A 388 31.26 27.29 -2.78
N PHE A 389 30.03 27.58 -3.15
CA PHE A 389 28.85 27.10 -2.52
C PHE A 389 28.71 25.60 -2.61
N LYS A 390 29.10 25.03 -3.73
CA LYS A 390 29.09 23.59 -3.92
C LYS A 390 30.03 22.88 -3.00
N GLU A 391 31.18 23.46 -2.77
CA GLU A 391 32.14 22.94 -1.83
C GLU A 391 31.66 22.97 -0.42
N LEU A 392 31.03 24.05 0.00
CA LEU A 392 30.47 24.16 1.33
C LEU A 392 29.36 23.18 1.60
N GLU A 393 28.53 22.94 0.63
CA GLU A 393 27.50 21.97 0.74
C GLU A 393 27.99 20.56 0.79
N GLU A 394 28.90 20.26 -0.12
CA GLU A 394 29.42 18.95 -0.29
C GLU A 394 30.15 18.52 0.96
N THR A 395 30.88 19.42 1.56
CA THR A 395 31.59 19.11 2.77
C THR A 395 30.80 19.32 4.05
N LYS A 396 29.64 19.89 3.96
CA LYS A 396 28.80 20.14 5.10
C LYS A 396 29.48 21.03 6.14
N ALA A 397 30.17 22.02 5.63
CA ALA A 397 30.93 22.94 6.43
C ALA A 397 30.18 23.81 7.45
N ALA A 398 30.77 23.92 8.62
CA ALA A 398 30.25 24.68 9.71
C ALA A 398 30.72 26.09 9.54
N ASP A 399 30.02 27.03 10.12
CA ASP A 399 30.42 28.39 9.97
C ASP A 399 31.72 28.57 10.70
N GLU A 400 31.80 27.87 11.81
CA GLU A 400 32.98 27.77 12.61
C GLU A 400 32.58 26.84 13.74
N MET B 1 1.84 -7.00 -27.00
CA MET B 1 1.06 -6.54 -25.87
C MET B 1 0.18 -7.64 -25.36
N ASP B 2 0.67 -8.85 -25.46
CA ASP B 2 -0.12 -10.05 -25.30
C ASP B 2 0.43 -11.00 -24.27
N HIS B 3 -0.10 -11.01 -23.06
CA HIS B 3 0.40 -11.95 -22.11
C HIS B 3 -0.48 -12.32 -20.93
N ARG B 4 -0.16 -13.41 -20.26
CA ARG B 4 -0.79 -13.69 -19.00
C ARG B 4 -0.39 -12.66 -17.99
N ARG B 5 -1.40 -12.17 -17.29
CA ARG B 5 -1.24 -11.16 -16.27
C ARG B 5 -0.62 -11.80 -15.06
N LEU B 6 -0.12 -10.96 -14.18
CA LEU B 6 0.55 -11.40 -12.96
C LEU B 6 0.24 -10.42 -11.83
N GLY B 7 -1.04 -10.10 -11.67
CA GLY B 7 -1.48 -9.17 -10.66
C GLY B 7 -0.99 -9.52 -9.27
N VAL B 8 -1.69 -9.05 -8.26
CA VAL B 8 -1.32 -9.31 -6.87
C VAL B 8 -0.94 -10.78 -6.66
N SER B 9 0.36 -11.08 -6.64
CA SER B 9 1.42 -10.09 -6.78
C SER B 9 2.79 -10.74 -6.68
N GLU B 10 3.75 -10.20 -7.42
CA GLU B 10 5.11 -10.73 -7.40
C GLU B 10 5.65 -10.17 -6.11
N GLU B 11 6.82 -10.60 -5.64
CA GLU B 11 7.06 -10.29 -4.24
C GLU B 11 8.10 -9.23 -3.82
N LEU B 12 7.62 -8.00 -3.85
CA LEU B 12 8.32 -6.84 -3.38
C LEU B 12 7.58 -6.24 -2.21
N PHE B 13 6.38 -6.70 -2.00
CA PHE B 13 5.56 -6.20 -0.95
C PHE B 13 4.67 -7.34 -0.59
N PHE B 14 4.07 -7.28 0.57
CA PHE B 14 3.16 -8.29 1.03
C PHE B 14 2.16 -7.69 1.95
N PHE B 15 1.16 -8.47 2.30
CA PHE B 15 0.09 -8.04 3.14
C PHE B 15 -0.11 -9.02 4.26
N HIS B 16 -0.46 -8.55 5.43
CA HIS B 16 -0.61 -9.38 6.58
C HIS B 16 -1.96 -9.18 7.20
N SER B 17 -2.55 -10.22 7.72
CA SER B 17 -3.91 -10.17 8.25
C SER B 17 -4.08 -9.24 9.43
N LEU B 18 -3.00 -8.97 10.11
CA LEU B 18 -2.96 -7.96 11.14
C LEU B 18 -3.17 -6.52 10.69
N SER B 19 -2.88 -6.21 9.44
CA SER B 19 -3.26 -4.94 8.83
C SER B 19 -3.70 -5.17 7.39
N PRO B 20 -4.87 -5.72 7.16
CA PRO B 20 -5.24 -5.99 5.80
C PRO B 20 -5.38 -4.70 5.05
N GLY B 21 -4.98 -4.63 3.80
CA GLY B 21 -5.01 -3.36 3.12
C GLY B 21 -3.91 -2.36 3.35
N SER B 22 -2.86 -2.76 4.02
CA SER B 22 -1.73 -1.91 4.25
C SER B 22 -0.48 -2.64 3.92
N GLY B 23 0.27 -2.15 2.95
CA GLY B 23 1.45 -2.83 2.50
C GLY B 23 2.67 -2.91 3.36
N PHE B 24 3.37 -4.01 3.27
CA PHE B 24 4.67 -4.12 3.83
C PHE B 24 5.59 -4.15 2.66
N TRP B 25 6.49 -3.20 2.59
CA TRP B 25 7.36 -3.14 1.46
C TRP B 25 8.68 -3.69 1.84
N LEU B 26 9.06 -4.71 1.12
CA LEU B 26 10.33 -5.36 1.28
C LEU B 26 11.38 -4.52 0.64
N PRO B 27 12.63 -4.80 0.88
CA PRO B 27 13.69 -3.89 0.46
C PRO B 27 13.71 -3.59 -1.04
N HIS B 28 13.47 -4.57 -1.88
CA HIS B 28 13.36 -4.38 -3.30
C HIS B 28 12.18 -3.55 -3.75
N GLY B 29 11.04 -3.70 -3.13
CA GLY B 29 9.92 -2.85 -3.36
C GLY B 29 10.04 -1.40 -2.93
N SER B 30 10.61 -1.21 -1.76
CA SER B 30 10.84 0.05 -1.15
C SER B 30 11.74 0.83 -2.02
N ALA B 31 12.66 0.13 -2.59
CA ALA B 31 13.62 0.77 -3.41
C ALA B 31 12.97 1.44 -4.58
N ILE B 32 11.98 0.80 -5.16
CA ILE B 32 11.20 1.33 -6.24
C ILE B 32 10.33 2.51 -5.84
N TYR B 33 9.67 2.35 -4.71
CA TYR B 33 8.80 3.33 -4.16
C TYR B 33 9.59 4.61 -3.84
N PHE B 34 10.73 4.46 -3.20
CA PHE B 34 11.64 5.57 -2.93
C PHE B 34 12.23 6.22 -4.20
N LYS B 35 12.52 5.43 -5.22
CA LYS B 35 12.94 5.93 -6.49
C LYS B 35 11.91 6.78 -7.24
N LEU B 36 10.66 6.38 -7.17
CA LEU B 36 9.58 7.16 -7.67
C LEU B 36 9.37 8.47 -6.96
N LEU B 37 9.54 8.46 -5.66
CA LEU B 37 9.43 9.62 -4.87
C LEU B 37 10.52 10.58 -5.20
N LYS B 38 11.70 10.06 -5.39
CA LYS B 38 12.80 10.88 -5.71
C LYS B 38 12.60 11.60 -7.03
N PHE B 39 12.06 10.93 -8.03
CA PHE B 39 11.81 11.50 -9.33
C PHE B 39 10.79 12.62 -9.31
N ILE B 40 9.70 12.40 -8.61
CA ILE B 40 8.66 13.35 -8.52
C ILE B 40 9.15 14.58 -7.78
N ARG B 41 9.93 14.36 -6.76
CA ARG B 41 10.54 15.43 -6.00
C ARG B 41 11.53 16.25 -6.82
N GLU B 42 12.30 15.60 -7.66
CA GLU B 42 13.19 16.29 -8.54
C GLU B 42 12.42 17.16 -9.48
N GLN B 43 11.32 16.66 -10.01
CA GLN B 43 10.41 17.41 -10.84
C GLN B 43 9.72 18.56 -10.14
N TYR B 44 9.32 18.36 -8.90
CA TYR B 44 8.67 19.36 -8.14
C TYR B 44 9.57 20.57 -7.96
N ARG B 45 10.83 20.32 -7.71
CA ARG B 45 11.74 21.38 -7.48
C ARG B 45 11.90 22.19 -8.74
N ALA B 46 12.14 21.53 -9.85
CA ALA B 46 12.29 22.19 -11.12
C ALA B 46 11.06 22.94 -11.63
N ARG B 47 9.90 22.63 -11.11
CA ARG B 47 8.68 23.13 -11.64
C ARG B 47 7.90 24.06 -10.76
N GLY B 48 8.52 24.66 -9.77
CA GLY B 48 7.80 25.48 -8.85
C GLY B 48 6.95 24.92 -7.75
N TYR B 49 7.22 23.72 -7.32
CA TYR B 49 6.46 23.16 -6.23
C TYR B 49 7.28 23.09 -5.00
N THR B 50 6.66 23.33 -3.88
CA THR B 50 7.29 23.05 -2.63
C THR B 50 6.54 21.96 -1.88
N GLU B 51 7.25 20.92 -1.50
CA GLU B 51 6.65 19.90 -0.69
C GLU B 51 6.57 20.36 0.74
N VAL B 52 5.45 20.12 1.36
CA VAL B 52 5.25 20.43 2.74
C VAL B 52 4.89 19.19 3.52
N ILE B 53 4.83 19.32 4.83
CA ILE B 53 4.48 18.25 5.70
C ILE B 53 3.37 18.62 6.62
N THR B 54 2.40 17.76 6.74
CA THR B 54 1.21 18.06 7.48
C THR B 54 0.85 17.02 8.48
N PRO B 55 -0.13 17.29 9.31
CA PRO B 55 -0.61 16.32 10.28
C PRO B 55 -1.38 15.14 9.68
N ASN B 56 -1.44 14.05 10.41
CA ASN B 56 -2.22 12.89 10.05
C ASN B 56 -3.57 12.71 10.72
N ILE B 57 -3.76 13.25 11.91
CA ILE B 57 -5.03 13.14 12.59
C ILE B 57 -5.58 14.51 12.83
N PHE B 58 -6.87 14.66 12.71
CA PHE B 58 -7.52 15.92 12.87
C PHE B 58 -8.82 15.77 13.61
N ASN B 59 -9.20 16.82 14.31
CA ASN B 59 -10.48 16.98 14.94
C ASN B 59 -11.55 17.01 13.90
N MET B 60 -12.72 16.48 14.22
CA MET B 60 -13.82 16.35 13.30
C MET B 60 -14.35 17.67 12.74
N GLU B 61 -14.09 18.74 13.43
CA GLU B 61 -14.47 20.03 13.01
C GLU B 61 -13.82 20.46 11.73
N LEU B 62 -12.65 19.97 11.46
CA LEU B 62 -12.04 20.20 10.22
C LEU B 62 -12.82 19.55 9.10
N TRP B 63 -13.15 18.31 9.30
CA TRP B 63 -13.91 17.55 8.37
C TRP B 63 -15.31 18.12 8.20
N ASN B 64 -15.84 18.70 9.25
CA ASN B 64 -17.08 19.41 9.14
C ASN B 64 -16.97 20.59 8.23
N ILE B 65 -15.92 21.35 8.37
CA ILE B 65 -15.71 22.49 7.53
C ILE B 65 -15.50 22.10 6.09
N SER B 66 -14.72 21.06 5.90
CA SER B 66 -14.35 20.55 4.60
C SER B 66 -15.47 19.98 3.73
N GLY B 67 -16.46 19.38 4.35
CA GLY B 67 -17.43 18.60 3.67
C GLY B 67 -17.23 17.12 3.78
N HIS B 68 -16.10 16.70 4.30
CA HIS B 68 -15.83 15.31 4.53
C HIS B 68 -16.81 14.70 5.46
N ALA B 69 -17.25 15.43 6.45
CA ALA B 69 -18.18 14.91 7.41
C ALA B 69 -19.52 14.53 6.80
N LYS B 70 -20.04 15.38 5.95
CA LYS B 70 -21.22 15.07 5.20
C LYS B 70 -21.05 13.97 4.16
N HIS B 71 -19.97 14.01 3.43
CA HIS B 71 -19.85 13.14 2.30
C HIS B 71 -18.99 11.92 2.45
N TYR B 72 -18.10 11.91 3.41
CA TYR B 72 -17.08 10.91 3.40
C TYR B 72 -16.93 10.11 4.68
N LYS B 73 -17.73 10.39 5.67
CA LYS B 73 -17.49 9.90 7.00
C LYS B 73 -17.44 8.40 7.00
N GLU B 74 -18.18 7.84 6.09
CA GLU B 74 -18.32 6.42 5.96
C GLU B 74 -17.00 5.73 5.65
N ASN B 75 -16.13 6.41 4.93
CA ASN B 75 -14.87 5.88 4.52
C ASN B 75 -13.72 6.31 5.37
N MET B 76 -14.00 6.90 6.52
CA MET B 76 -13.00 7.47 7.41
C MET B 76 -12.87 6.63 8.62
N PHE B 77 -11.68 6.60 9.19
CA PHE B 77 -11.45 5.99 10.47
C PHE B 77 -11.60 7.08 11.52
N VAL B 78 -12.60 6.95 12.34
CA VAL B 78 -13.01 7.98 13.22
C VAL B 78 -12.86 7.49 14.64
N PHE B 79 -12.34 8.31 15.54
CA PHE B 79 -12.06 7.90 16.91
C PHE B 79 -12.12 9.01 17.92
N ASP B 80 -11.95 8.70 19.18
CA ASP B 80 -12.13 9.68 20.22
C ASP B 80 -10.80 10.12 20.83
N VAL B 81 -10.60 11.40 20.95
CA VAL B 81 -9.52 11.88 21.72
C VAL B 81 -10.08 12.79 22.75
N GLU B 82 -9.99 12.37 24.00
CA GLU B 82 -10.38 13.18 25.12
C GLU B 82 -11.81 13.64 25.05
N GLY B 83 -12.66 12.83 24.49
CA GLY B 83 -14.05 13.17 24.30
C GLY B 83 -14.40 13.87 23.02
N GLN B 84 -13.42 14.20 22.22
CA GLN B 84 -13.68 14.85 20.97
C GLN B 84 -13.50 13.90 19.83
N GLU B 85 -14.37 14.02 18.87
CA GLU B 85 -14.27 13.25 17.66
C GLU B 85 -13.09 13.63 16.80
N TYR B 86 -12.37 12.63 16.36
CA TYR B 86 -11.20 12.79 15.54
C TYR B 86 -11.23 11.82 14.40
N ALA B 87 -10.46 12.07 13.37
CA ALA B 87 -10.33 11.16 12.28
C ALA B 87 -8.99 11.21 11.64
N LEU B 88 -8.52 10.10 11.11
CA LEU B 88 -7.35 10.04 10.31
C LEU B 88 -7.66 10.62 8.98
N LYS B 89 -6.73 11.31 8.38
CA LYS B 89 -7.00 11.97 7.14
C LYS B 89 -7.23 11.09 5.93
N PRO B 90 -8.36 11.24 5.27
CA PRO B 90 -8.61 10.75 3.93
C PRO B 90 -7.89 11.51 2.85
N MET B 91 -7.76 12.80 3.02
CA MET B 91 -7.26 13.69 2.00
C MET B 91 -6.35 14.73 2.61
N ASN B 92 -5.42 15.27 1.86
CA ASN B 92 -4.57 16.33 2.34
C ASN B 92 -5.17 17.68 2.10
N CYS B 93 -6.19 17.68 1.26
CA CYS B 93 -6.64 18.77 0.45
C CYS B 93 -7.04 19.87 1.54
N PRO B 94 -7.67 19.55 2.66
CA PRO B 94 -7.89 20.52 3.75
C PRO B 94 -6.73 21.13 4.58
N ALA B 95 -5.76 20.35 4.95
CA ALA B 95 -4.62 20.84 5.66
C ALA B 95 -3.82 21.83 4.83
N ALA B 96 -3.85 21.64 3.54
CA ALA B 96 -3.17 22.49 2.62
C ALA B 96 -3.76 23.84 2.69
N SER B 97 -5.04 23.93 2.84
CA SER B 97 -5.70 25.19 2.92
C SER B 97 -5.28 26.00 4.12
N LEU B 98 -5.14 25.36 5.25
CA LEU B 98 -4.71 25.99 6.45
C LEU B 98 -3.31 26.53 6.32
N MET B 99 -2.48 25.86 5.55
CA MET B 99 -1.19 26.37 5.26
C MET B 99 -1.21 27.62 4.42
N PHE B 100 -2.13 27.69 3.49
CA PHE B 100 -2.30 28.86 2.68
C PHE B 100 -2.75 29.99 3.58
N ASP B 101 -3.58 29.70 4.56
CA ASP B 101 -4.07 30.69 5.46
C ASP B 101 -3.12 31.07 6.55
N PHE B 102 -1.90 30.62 6.53
CA PHE B 102 -1.00 30.90 7.63
C PHE B 102 -0.69 32.37 7.74
N ARG B 103 -0.44 32.98 6.61
CA ARG B 103 -0.10 34.35 6.56
C ARG B 103 -0.73 35.00 5.35
N GLN B 104 -0.84 36.32 5.36
CA GLN B 104 -1.46 37.02 4.28
C GLN B 104 -0.69 36.90 3.00
N ARG B 105 -1.39 36.64 1.92
CA ARG B 105 -0.74 36.47 0.67
C ARG B 105 -1.26 37.46 -0.36
N SER B 106 -0.42 37.81 -1.30
CA SER B 106 -0.79 38.73 -2.32
C SER B 106 -0.69 38.12 -3.68
N TYR B 107 -1.38 38.75 -4.60
CA TYR B 107 -1.62 38.28 -5.92
C TYR B 107 -0.33 38.11 -6.67
N ARG B 108 0.68 38.81 -6.25
CA ARG B 108 1.99 38.72 -6.83
C ARG B 108 2.57 37.34 -6.58
N GLU B 109 2.27 36.85 -5.40
CA GLU B 109 2.71 35.60 -4.86
C GLU B 109 2.21 34.35 -5.56
N LEU B 110 1.04 34.41 -6.18
CA LEU B 110 0.50 33.25 -6.90
C LEU B 110 1.38 32.78 -8.09
N PRO B 111 1.30 31.49 -8.41
CA PRO B 111 0.42 30.58 -7.68
C PRO B 111 1.21 29.73 -6.67
N ILE B 112 0.68 29.60 -5.46
CA ILE B 112 1.34 28.83 -4.41
C ILE B 112 1.08 27.34 -4.59
N ARG B 113 2.10 26.62 -5.04
CA ARG B 113 2.00 25.20 -5.25
C ARG B 113 2.57 24.39 -4.12
N TYR B 114 1.71 23.76 -3.35
CA TYR B 114 2.12 22.93 -2.22
C TYR B 114 1.95 21.44 -2.51
N ALA B 115 3.02 20.68 -2.42
CA ALA B 115 2.96 19.25 -2.58
C ALA B 115 2.93 18.53 -1.26
N ASP B 116 2.15 17.48 -1.18
CA ASP B 116 2.10 16.69 0.02
C ASP B 116 2.15 15.19 -0.24
N CYS B 117 3.07 14.51 0.40
CA CYS B 117 3.21 13.09 0.22
C CYS B 117 2.72 12.31 1.41
N GLY B 118 1.87 12.89 2.19
CA GLY B 118 1.46 12.32 3.44
C GLY B 118 0.65 11.08 3.40
N VAL B 119 0.69 10.32 4.48
CA VAL B 119 -0.01 9.07 4.51
C VAL B 119 -1.48 9.30 4.68
N LEU B 120 -2.29 8.71 3.83
CA LEU B 120 -3.72 8.78 3.95
C LEU B 120 -4.39 7.44 4.24
N HIS B 121 -5.54 7.48 4.85
CA HIS B 121 -6.29 6.29 5.21
C HIS B 121 -7.74 6.38 4.79
N ARG B 122 -8.24 5.34 4.18
CA ARG B 122 -9.64 5.23 3.86
C ARG B 122 -10.08 3.86 4.22
N ASN B 123 -11.28 3.76 4.70
CA ASN B 123 -11.79 2.50 5.15
C ASN B 123 -12.36 1.67 4.01
N GLU B 124 -12.02 0.40 3.98
CA GLU B 124 -12.56 -0.51 3.02
C GLU B 124 -12.74 -1.83 3.68
N LEU B 125 -13.71 -2.61 3.28
CA LEU B 125 -13.96 -3.90 3.87
C LEU B 125 -12.83 -4.85 3.61
N SER B 126 -12.49 -5.60 4.63
CA SER B 126 -11.30 -6.39 4.62
C SER B 126 -11.28 -7.44 3.52
N GLY B 127 -12.41 -8.06 3.28
CA GLY B 127 -12.56 -9.13 2.32
C GLY B 127 -12.26 -8.66 0.95
N ALA B 128 -12.62 -7.42 0.73
CA ALA B 128 -12.51 -6.76 -0.56
C ALA B 128 -11.19 -6.04 -0.73
N LEU B 129 -10.17 -6.42 0.01
CA LEU B 129 -8.90 -5.78 -0.14
C LEU B 129 -8.00 -6.74 -0.80
N THR B 130 -7.49 -6.37 -1.94
CA THR B 130 -6.57 -7.20 -2.61
C THR B 130 -5.51 -6.37 -3.27
N GLY B 131 -4.28 -6.65 -3.00
CA GLY B 131 -3.23 -6.01 -3.73
C GLY B 131 -3.11 -4.54 -3.47
N LEU B 132 -2.48 -3.86 -4.39
CA LEU B 132 -2.26 -2.46 -4.25
C LEU B 132 -3.35 -1.68 -4.88
N THR B 133 -4.21 -2.31 -5.65
CA THR B 133 -5.31 -1.63 -6.26
C THR B 133 -6.34 -1.14 -5.28
N ARG B 134 -6.65 -1.94 -4.28
CA ARG B 134 -7.48 -1.44 -3.23
C ARG B 134 -6.89 -1.63 -1.90
N VAL B 135 -6.51 -0.52 -1.31
CA VAL B 135 -5.82 -0.45 -0.04
C VAL B 135 -6.47 0.54 0.89
N ARG B 136 -6.33 0.30 2.18
CA ARG B 136 -6.58 1.25 3.21
C ARG B 136 -5.60 2.41 3.32
N ARG B 137 -4.33 2.16 3.06
CA ARG B 137 -3.27 3.08 3.31
C ARG B 137 -2.50 3.30 2.04
N PHE B 138 -2.25 4.54 1.70
CA PHE B 138 -1.53 4.88 0.50
C PHE B 138 -0.95 6.24 0.66
N GLN B 139 0.02 6.58 -0.15
CA GLN B 139 0.53 7.92 -0.25
C GLN B 139 0.34 8.46 -1.63
N GLN B 140 -0.40 9.54 -1.72
CA GLN B 140 -0.60 10.20 -2.95
C GLN B 140 0.55 11.11 -3.29
N ASP B 141 0.86 11.26 -4.56
CA ASP B 141 1.67 12.36 -5.02
C ASP B 141 0.79 13.56 -5.27
N ASP B 142 0.09 13.96 -4.24
CA ASP B 142 -0.79 15.07 -4.23
C ASP B 142 -0.09 16.44 -4.19
N ALA B 143 -0.69 17.40 -4.89
CA ALA B 143 -0.14 18.76 -4.95
C ALA B 143 -1.22 19.78 -5.30
N HIS B 144 -1.56 20.62 -4.33
CA HIS B 144 -2.58 21.66 -4.54
C HIS B 144 -1.95 22.89 -5.18
N ILE B 145 -2.69 23.50 -6.12
CA ILE B 145 -2.20 24.68 -6.82
C ILE B 145 -3.13 25.88 -6.61
N PHE B 146 -2.78 26.74 -5.68
CA PHE B 146 -3.55 27.94 -5.40
C PHE B 146 -3.28 29.07 -6.36
N CYS B 147 -4.27 29.44 -7.13
CA CYS B 147 -4.07 30.39 -8.19
C CYS B 147 -5.14 31.44 -8.33
N ARG B 148 -4.85 32.44 -9.12
CA ARG B 148 -5.81 33.43 -9.51
C ARG B 148 -6.68 32.87 -10.61
N ASP B 149 -7.86 33.43 -10.81
CA ASP B 149 -8.75 32.98 -11.87
C ASP B 149 -8.08 33.11 -13.20
N ASP B 150 -7.32 34.16 -13.37
CA ASP B 150 -6.66 34.44 -14.62
C ASP B 150 -5.53 33.50 -14.89
N GLN B 151 -5.18 32.73 -13.90
CA GLN B 151 -4.02 31.88 -13.99
C GLN B 151 -4.25 30.42 -14.37
N ILE B 152 -5.47 30.01 -14.53
CA ILE B 152 -5.78 28.63 -14.76
C ILE B 152 -5.20 28.00 -16.01
N LYS B 153 -5.25 28.67 -17.14
CA LYS B 153 -4.80 28.06 -18.35
C LYS B 153 -3.34 27.68 -18.31
N LYS B 154 -2.52 28.57 -17.83
CA LYS B 154 -1.11 28.33 -17.74
C LYS B 154 -0.73 27.24 -16.78
N GLU B 155 -1.30 27.28 -15.61
CA GLU B 155 -1.09 26.28 -14.62
C GLU B 155 -1.53 24.91 -15.04
N VAL B 156 -2.69 24.80 -15.66
CA VAL B 156 -3.10 23.56 -16.26
C VAL B 156 -2.21 23.12 -17.42
N LEU B 157 -1.77 24.04 -18.25
CA LEU B 157 -0.90 23.68 -19.33
C LEU B 157 0.41 23.22 -18.79
N ASP B 158 0.86 23.91 -17.76
CA ASP B 158 2.03 23.48 -17.08
C ASP B 158 1.90 22.13 -16.44
N PHE B 159 0.73 21.82 -15.86
CA PHE B 159 0.51 20.52 -15.30
C PHE B 159 0.53 19.40 -16.32
N LEU B 160 -0.14 19.62 -17.42
CA LEU B 160 -0.25 18.63 -18.42
C LEU B 160 1.07 18.28 -18.97
N SER B 161 1.91 19.27 -19.09
CA SER B 161 3.26 19.07 -19.53
C SER B 161 4.12 18.25 -18.58
N PHE B 162 3.98 18.49 -17.29
CA PHE B 162 4.65 17.75 -16.27
C PHE B 162 4.19 16.30 -16.35
N MET B 163 2.91 16.11 -16.49
CA MET B 163 2.36 14.79 -16.52
C MET B 163 2.84 13.90 -17.66
N LYS B 164 2.87 14.47 -18.85
CA LYS B 164 3.34 13.83 -20.05
C LYS B 164 4.79 13.48 -19.97
N TYR B 165 5.53 14.36 -19.38
CA TYR B 165 6.92 14.17 -19.22
C TYR B 165 7.21 12.95 -18.40
N VAL B 166 6.51 12.82 -17.29
CA VAL B 166 6.61 11.69 -16.42
C VAL B 166 6.16 10.43 -17.07
N TYR B 167 5.04 10.47 -17.73
CA TYR B 167 4.46 9.32 -18.36
C TYR B 167 5.33 8.75 -19.48
N ASP B 168 5.96 9.63 -20.26
CA ASP B 168 6.83 9.25 -21.35
C ASP B 168 8.00 8.47 -20.87
N VAL B 169 8.47 8.73 -19.68
CA VAL B 169 9.55 8.00 -19.10
C VAL B 169 9.14 6.55 -18.99
N PHE B 170 7.92 6.30 -18.60
CA PHE B 170 7.45 4.96 -18.42
C PHE B 170 6.77 4.33 -19.61
N GLY B 171 6.63 5.03 -20.71
CA GLY B 171 5.89 4.51 -21.84
C GLY B 171 4.40 4.48 -21.73
N ILE B 172 3.87 5.37 -20.96
CA ILE B 172 2.48 5.36 -20.64
C ILE B 172 1.70 6.36 -21.48
N GLU B 173 0.52 5.98 -21.92
CA GLU B 173 -0.29 6.80 -22.78
C GLU B 173 -1.48 7.31 -22.05
N PHE B 174 -2.04 8.39 -22.56
CA PHE B 174 -3.11 9.06 -21.88
C PHE B 174 -4.17 9.69 -22.79
N ASN B 175 -5.34 9.84 -22.22
CA ASN B 175 -6.43 10.46 -22.88
C ASN B 175 -7.10 11.47 -21.97
N LEU B 176 -7.45 12.62 -22.52
CA LEU B 176 -7.97 13.73 -21.78
C LEU B 176 -9.34 14.14 -22.22
N GLU B 177 -10.22 14.40 -21.29
CA GLU B 177 -11.57 14.78 -21.59
C GLU B 177 -11.92 15.93 -20.69
N LEU B 178 -12.90 16.73 -21.05
CA LEU B 178 -13.31 17.81 -20.19
C LEU B 178 -14.69 17.58 -19.60
N SER B 179 -14.83 17.74 -18.31
CA SER B 179 -16.12 17.53 -17.68
C SER B 179 -16.62 18.78 -17.04
N THR B 180 -17.86 19.13 -17.29
CA THR B 180 -18.34 20.48 -17.14
C THR B 180 -19.42 20.61 -16.12
N ARG B 181 -19.87 21.82 -15.88
CA ARG B 181 -20.69 22.07 -14.73
C ARG B 181 -21.90 21.19 -14.73
N PRO B 182 -22.12 20.47 -13.65
CA PRO B 182 -23.31 19.65 -13.48
C PRO B 182 -24.52 20.38 -12.96
N GLU B 183 -25.64 19.71 -12.95
CA GLU B 183 -26.94 20.28 -12.64
C GLU B 183 -26.99 20.82 -11.24
N LYS B 184 -26.49 20.06 -10.28
CA LYS B 184 -26.43 20.52 -8.92
C LYS B 184 -25.01 20.99 -8.71
N ALA B 185 -24.80 22.27 -8.53
CA ALA B 185 -23.48 22.82 -8.48
C ALA B 185 -23.51 23.93 -7.50
N MET B 186 -22.35 24.36 -7.03
CA MET B 186 -22.34 25.34 -5.97
C MET B 186 -21.83 26.72 -6.23
N GLY B 187 -21.14 26.95 -7.30
CA GLY B 187 -20.52 28.23 -7.48
C GLY B 187 -21.36 29.35 -8.05
N GLU B 188 -20.70 30.36 -8.54
CA GLU B 188 -21.25 31.35 -9.41
C GLU B 188 -20.91 30.98 -10.84
N LEU B 189 -21.80 31.22 -11.76
CA LEU B 189 -21.64 30.80 -13.12
C LEU B 189 -20.44 31.39 -13.78
N GLU B 190 -20.10 32.60 -13.43
CA GLU B 190 -18.99 33.25 -14.06
C GLU B 190 -17.68 32.54 -13.80
N GLN B 191 -17.47 32.17 -12.55
CA GLN B 191 -16.25 31.50 -12.21
C GLN B 191 -16.13 30.19 -12.92
N TRP B 192 -17.26 29.52 -13.10
CA TRP B 192 -17.35 28.31 -13.88
C TRP B 192 -17.03 28.44 -15.36
N GLU B 193 -17.60 29.43 -16.02
CA GLU B 193 -17.32 29.70 -17.41
C GLU B 193 -15.92 30.19 -17.76
N ARG B 194 -15.39 31.04 -16.93
CA ARG B 194 -14.05 31.52 -17.04
C ARG B 194 -13.09 30.38 -16.90
N ALA B 195 -13.35 29.51 -15.94
CA ALA B 195 -12.56 28.32 -15.69
C ALA B 195 -12.63 27.26 -16.77
N GLU B 196 -13.83 26.92 -17.16
CA GLU B 196 -14.05 25.98 -18.25
C GLU B 196 -13.48 26.49 -19.57
N SER B 197 -13.55 27.78 -19.80
CA SER B 197 -12.99 28.37 -21.00
C SER B 197 -11.48 28.24 -21.05
N GLN B 198 -10.84 28.52 -19.94
CA GLN B 198 -9.43 28.35 -19.83
C GLN B 198 -9.00 26.90 -20.00
N LEU B 199 -9.80 26.00 -19.50
CA LEU B 199 -9.55 24.61 -19.67
C LEU B 199 -9.61 24.15 -21.12
N ALA B 200 -10.61 24.58 -21.86
CA ALA B 200 -10.77 24.20 -23.23
C ALA B 200 -9.60 24.74 -23.98
N GLU B 201 -9.22 25.93 -23.64
CA GLU B 201 -8.13 26.56 -24.29
C GLU B 201 -6.85 25.78 -24.05
N ALA B 202 -6.66 25.28 -22.85
CA ALA B 202 -5.49 24.48 -22.58
C ALA B 202 -5.49 23.21 -23.39
N LEU B 203 -6.64 22.60 -23.51
CA LEU B 203 -6.83 21.43 -24.32
C LEU B 203 -6.65 21.69 -25.80
N ASP B 204 -7.13 22.81 -26.30
CA ASP B 204 -7.02 23.10 -27.70
C ASP B 204 -5.55 23.13 -27.94
N GLU B 205 -4.84 23.86 -27.09
CA GLU B 205 -3.40 24.03 -27.23
C GLU B 205 -2.68 22.69 -27.33
N PHE B 206 -2.56 22.01 -26.20
CA PHE B 206 -1.84 20.75 -26.12
C PHE B 206 -2.34 19.72 -27.14
N VAL B 207 -3.56 19.24 -26.94
CA VAL B 207 -4.10 18.21 -27.78
C VAL B 207 -4.47 18.68 -29.18
N GLY B 208 -4.98 19.89 -29.30
CA GLY B 208 -5.41 20.44 -30.55
C GLY B 208 -6.89 20.61 -30.66
N ALA B 209 -7.31 21.67 -31.30
CA ALA B 209 -8.71 22.01 -31.34
C ALA B 209 -9.51 21.00 -32.10
N GLY B 210 -10.63 20.63 -31.53
CA GLY B 210 -11.53 19.67 -32.14
C GLY B 210 -11.06 18.25 -32.01
N LYS B 211 -9.98 18.04 -31.28
CA LYS B 211 -9.42 16.75 -31.09
C LYS B 211 -9.69 16.18 -29.71
N TRP B 212 -10.46 16.90 -28.92
CA TRP B 212 -10.76 16.46 -27.58
C TRP B 212 -12.24 16.43 -27.29
N VAL B 213 -12.63 15.59 -26.35
CA VAL B 213 -14.02 15.34 -26.06
C VAL B 213 -14.50 16.05 -24.82
N VAL B 214 -15.74 16.50 -24.87
CA VAL B 214 -16.40 17.09 -23.73
C VAL B 214 -17.41 16.15 -23.08
N ASN B 215 -17.43 16.10 -21.77
CA ASN B 215 -18.49 15.39 -21.07
C ASN B 215 -19.35 16.37 -20.36
N PRO B 216 -20.43 16.80 -20.98
CA PRO B 216 -21.17 17.91 -20.45
C PRO B 216 -21.93 17.52 -19.23
N GLY B 217 -21.73 18.25 -18.16
CA GLY B 217 -22.41 18.00 -16.91
C GLY B 217 -21.84 16.93 -16.07
N ASP B 218 -20.64 16.48 -16.38
CA ASP B 218 -19.99 15.41 -15.66
C ASP B 218 -18.97 15.87 -14.63
N GLY B 219 -18.84 17.16 -14.46
CA GLY B 219 -17.96 17.73 -13.47
C GLY B 219 -18.45 17.57 -12.08
N ALA B 220 -17.61 17.86 -11.11
CA ALA B 220 -17.97 17.79 -9.71
C ALA B 220 -18.77 19.00 -9.36
N PHE B 221 -19.47 18.93 -8.27
CA PHE B 221 -20.30 20.01 -7.82
C PHE B 221 -19.52 21.21 -7.35
N TYR B 222 -18.26 21.00 -7.00
CA TYR B 222 -17.38 22.05 -6.56
C TYR B 222 -16.41 22.52 -7.63
N GLY B 223 -16.41 21.90 -8.80
CA GLY B 223 -15.69 22.44 -9.91
C GLY B 223 -15.52 21.64 -11.18
N PRO B 224 -15.04 22.28 -12.21
CA PRO B 224 -14.72 21.60 -13.44
C PRO B 224 -13.50 20.72 -13.35
N LYS B 225 -13.45 19.74 -14.21
CA LYS B 225 -12.45 18.73 -14.11
C LYS B 225 -11.94 18.37 -15.45
N ILE B 226 -10.68 18.03 -15.56
CA ILE B 226 -10.20 17.38 -16.74
C ILE B 226 -10.04 15.94 -16.36
N ASP B 227 -10.81 15.08 -16.99
CA ASP B 227 -10.78 13.66 -16.74
C ASP B 227 -9.64 12.99 -17.48
N ILE B 228 -8.79 12.27 -16.78
CA ILE B 228 -7.64 11.65 -17.41
C ILE B 228 -7.65 10.15 -17.26
N MET B 229 -7.38 9.42 -18.33
CA MET B 229 -7.27 7.97 -18.27
C MET B 229 -5.99 7.58 -18.92
N ILE B 230 -5.30 6.63 -18.35
CA ILE B 230 -3.99 6.31 -18.81
C ILE B 230 -4.05 4.90 -19.26
N THR B 231 -3.18 4.54 -20.17
CA THR B 231 -3.17 3.21 -20.70
C THR B 231 -1.81 2.58 -20.62
N ASP B 232 -1.76 1.41 -20.05
CA ASP B 232 -0.56 0.60 -19.96
C ASP B 232 -0.29 -0.32 -21.14
N ALA B 233 0.80 -1.05 -21.12
CA ALA B 233 1.26 -1.87 -22.22
C ALA B 233 0.33 -3.00 -22.56
N LEU B 234 -0.49 -3.38 -21.61
CA LEU B 234 -1.46 -4.42 -21.75
C LEU B 234 -2.77 -3.88 -22.17
N LYS B 235 -2.80 -2.61 -22.47
CA LYS B 235 -4.01 -1.98 -22.91
C LYS B 235 -5.05 -1.77 -21.82
N ARG B 236 -4.66 -1.88 -20.57
CA ARG B 236 -5.55 -1.59 -19.46
C ARG B 236 -5.63 -0.11 -19.12
N GLN B 237 -6.73 0.31 -18.56
CA GLN B 237 -6.99 1.69 -18.27
C GLN B 237 -7.02 1.97 -16.78
N HIS B 238 -6.45 3.08 -16.37
CA HIS B 238 -6.37 3.45 -14.97
C HIS B 238 -6.67 4.89 -14.78
N GLN B 239 -7.16 5.24 -13.61
CA GLN B 239 -7.20 6.61 -13.19
C GLN B 239 -6.07 6.85 -12.20
N CYS B 240 -5.05 7.51 -12.63
CA CYS B 240 -3.98 7.93 -11.78
C CYS B 240 -3.87 9.45 -11.74
N ALA B 241 -3.63 10.07 -12.86
CA ALA B 241 -3.65 11.51 -12.94
C ALA B 241 -5.02 12.16 -12.77
N THR B 242 -5.02 13.32 -12.13
CA THR B 242 -6.17 14.18 -11.98
C THR B 242 -5.89 15.66 -12.14
N VAL B 243 -6.80 16.39 -12.73
CA VAL B 243 -6.89 17.81 -12.54
C VAL B 243 -8.28 18.17 -12.12
N GLN B 244 -8.45 18.63 -10.90
CA GLN B 244 -9.75 19.04 -10.46
C GLN B 244 -9.74 20.41 -9.81
N LEU B 245 -10.58 21.29 -10.30
CA LEU B 245 -10.72 22.62 -9.76
C LEU B 245 -11.72 22.64 -8.65
N ASP B 246 -11.55 23.52 -7.67
CA ASP B 246 -12.45 23.53 -6.54
C ASP B 246 -12.80 24.93 -6.07
N PHE B 247 -14.06 25.32 -6.24
CA PHE B 247 -14.47 26.61 -5.74
C PHE B 247 -15.05 26.56 -4.34
N GLN B 248 -15.50 25.42 -3.86
CA GLN B 248 -15.99 25.30 -2.50
C GLN B 248 -14.96 25.39 -1.39
N LEU B 249 -13.86 24.69 -1.53
CA LEU B 249 -12.89 24.62 -0.48
C LEU B 249 -12.30 25.98 -0.09
N PRO B 250 -12.02 26.85 -1.04
CA PRO B 250 -11.59 28.19 -0.73
C PRO B 250 -12.62 29.01 0.06
N ILE B 251 -13.90 28.86 -0.19
CA ILE B 251 -14.88 29.49 0.64
C ILE B 251 -14.92 28.93 2.03
N ARG B 252 -14.84 27.63 2.16
CA ARG B 252 -15.01 26.98 3.44
C ARG B 252 -13.94 27.38 4.40
N PHE B 253 -12.76 27.58 3.87
CA PHE B 253 -11.64 27.92 4.70
C PHE B 253 -11.32 29.39 4.70
N ASN B 254 -12.16 30.17 4.06
CA ASN B 254 -11.99 31.58 4.00
C ASN B 254 -10.64 32.04 3.46
N LEU B 255 -10.20 31.39 2.41
CA LEU B 255 -8.95 31.72 1.79
C LEU B 255 -9.04 32.99 0.97
N LYS B 256 -8.02 33.84 1.06
CA LYS B 256 -8.00 35.11 0.38
C LYS B 256 -6.65 35.49 -0.09
N TYR B 257 -6.57 36.24 -1.16
CA TYR B 257 -5.37 36.94 -1.51
C TYR B 257 -5.60 38.43 -1.64
N ARG B 258 -4.58 39.21 -1.36
CA ARG B 258 -4.67 40.63 -1.54
C ARG B 258 -4.44 40.98 -2.99
N THR B 259 -5.40 41.66 -3.58
CA THR B 259 -5.37 42.10 -4.95
C THR B 259 -4.46 43.30 -5.18
N ASP B 260 -4.15 43.59 -6.43
CA ASP B 260 -3.17 44.61 -6.60
C ASP B 260 -3.82 45.76 -5.85
N ASP B 261 -3.03 46.47 -5.05
CA ASP B 261 -3.55 47.49 -4.15
C ASP B 261 -4.26 46.81 -2.97
N ALA B 262 -5.12 47.55 -2.28
CA ALA B 262 -5.84 47.04 -1.10
C ALA B 262 -7.32 47.06 -1.26
N ASP B 263 -7.80 47.07 -2.50
CA ASP B 263 -9.20 47.28 -2.78
C ASP B 263 -10.00 46.19 -2.18
N ASN B 264 -9.47 44.99 -2.29
CA ASN B 264 -10.23 43.79 -2.15
C ASN B 264 -9.32 42.65 -1.83
N PHE B 265 -9.92 41.52 -1.56
CA PHE B 265 -9.19 40.29 -1.49
C PHE B 265 -9.99 39.49 -2.44
N LYS B 266 -9.35 38.56 -3.08
CA LYS B 266 -10.05 37.64 -3.93
C LYS B 266 -9.76 36.29 -3.36
N ARG B 267 -10.62 35.36 -3.70
CA ARG B 267 -10.43 34.03 -3.30
C ARG B 267 -9.68 33.32 -4.37
N PRO B 268 -8.75 32.48 -3.98
CA PRO B 268 -7.98 31.71 -4.95
C PRO B 268 -8.78 30.55 -5.45
N VAL B 269 -8.37 30.01 -6.56
CA VAL B 269 -8.91 28.81 -7.05
C VAL B 269 -7.97 27.73 -6.62
N ILE B 270 -8.51 26.56 -6.34
CA ILE B 270 -7.72 25.43 -5.96
C ILE B 270 -7.78 24.39 -7.06
N ILE B 271 -6.63 23.84 -7.37
CA ILE B 271 -6.59 22.73 -8.25
C ILE B 271 -5.98 21.58 -7.50
N HIS B 272 -6.76 20.53 -7.23
CA HIS B 272 -6.29 19.30 -6.61
C HIS B 272 -5.69 18.58 -7.85
N ARG B 273 -4.42 18.20 -7.83
CA ARG B 273 -3.77 17.52 -8.94
C ARG B 273 -2.91 16.34 -8.52
N ALA B 274 -2.76 15.37 -9.39
CA ALA B 274 -1.91 14.21 -9.15
C ALA B 274 -1.41 13.57 -10.42
N ILE B 275 -0.24 12.99 -10.39
CA ILE B 275 0.26 12.22 -11.49
C ILE B 275 0.38 10.71 -11.27
N TYR B 276 1.07 10.28 -10.24
CA TYR B 276 1.16 8.87 -9.88
C TYR B 276 -0.20 8.34 -9.49
N GLY B 277 -1.00 9.22 -8.93
CA GLY B 277 -2.20 8.90 -8.24
C GLY B 277 -1.95 8.48 -6.83
N SER B 278 -1.39 7.33 -6.60
CA SER B 278 -0.78 7.05 -5.35
C SER B 278 0.44 6.26 -5.67
N LEU B 279 1.43 6.29 -4.82
CA LEU B 279 2.62 5.51 -5.01
C LEU B 279 2.33 4.01 -5.06
N GLU B 280 1.46 3.53 -4.20
CA GLU B 280 1.04 2.17 -4.18
C GLU B 280 0.35 1.78 -5.45
N ARG B 281 -0.58 2.58 -5.92
CA ARG B 281 -1.18 2.33 -7.18
C ARG B 281 -0.26 2.41 -8.37
N PHE B 282 0.64 3.37 -8.44
CA PHE B 282 1.51 3.45 -9.58
C PHE B 282 2.42 2.27 -9.77
N VAL B 283 2.90 1.75 -8.67
CA VAL B 283 3.76 0.62 -8.62
C VAL B 283 3.03 -0.58 -9.15
N ALA B 284 1.79 -0.72 -8.78
CA ALA B 284 1.02 -1.82 -9.20
C ALA B 284 0.87 -1.80 -10.70
N VAL B 285 0.67 -0.64 -11.25
CA VAL B 285 0.60 -0.47 -12.68
C VAL B 285 1.89 -0.83 -13.32
N LEU B 286 2.98 -0.31 -12.83
CA LEU B 286 4.27 -0.53 -13.40
C LEU B 286 4.69 -1.97 -13.35
N VAL B 287 4.30 -2.67 -12.32
CA VAL B 287 4.71 -4.03 -12.15
C VAL B 287 4.18 -4.88 -13.29
N GLU B 288 2.90 -4.74 -13.59
CA GLU B 288 2.25 -5.31 -14.73
C GLU B 288 2.68 -4.81 -16.06
N HIS B 289 2.90 -3.52 -16.14
CA HIS B 289 3.22 -2.84 -17.35
C HIS B 289 4.50 -3.38 -17.88
N TYR B 290 5.43 -3.62 -16.99
CA TYR B 290 6.74 -4.05 -17.34
C TYR B 290 6.87 -5.52 -17.20
N ALA B 291 5.87 -6.15 -16.63
CA ALA B 291 5.90 -7.57 -16.35
C ALA B 291 7.04 -7.95 -15.46
N GLY B 292 7.34 -7.12 -14.49
CA GLY B 292 8.38 -7.39 -13.55
C GLY B 292 9.75 -7.04 -14.00
N LYS B 293 9.88 -6.47 -15.18
CA LYS B 293 11.18 -6.20 -15.72
C LYS B 293 11.35 -4.74 -15.95
N PHE B 294 11.72 -4.10 -14.87
CA PHE B 294 11.93 -2.69 -14.80
C PHE B 294 13.12 -2.20 -15.56
N PRO B 295 13.05 -0.97 -16.02
CA PRO B 295 14.12 -0.32 -16.77
C PRO B 295 15.26 -0.03 -15.85
N PHE B 296 16.44 0.21 -16.37
CA PHE B 296 17.61 0.09 -15.54
C PHE B 296 17.63 1.03 -14.35
N TRP B 297 17.21 2.27 -14.56
CA TRP B 297 17.21 3.27 -13.55
C TRP B 297 16.34 2.91 -12.39
N LEU B 298 15.24 2.27 -12.65
CA LEU B 298 14.26 1.95 -11.64
C LEU B 298 14.36 0.56 -11.01
N SER B 299 15.08 -0.33 -11.64
CA SER B 299 15.21 -1.68 -11.17
C SER B 299 15.85 -1.79 -9.82
N PRO B 300 15.27 -2.58 -8.95
CA PRO B 300 15.91 -2.94 -7.70
C PRO B 300 17.00 -4.00 -7.86
N ARG B 301 17.09 -4.61 -9.03
CA ARG B 301 18.09 -5.60 -9.36
C ARG B 301 18.81 -5.20 -10.62
N GLN B 302 19.63 -4.18 -10.53
CA GLN B 302 20.37 -3.69 -11.66
C GLN B 302 21.47 -4.53 -12.19
N VAL B 303 22.33 -4.99 -11.32
CA VAL B 303 23.51 -5.69 -11.69
C VAL B 303 23.70 -6.92 -10.84
N LEU B 304 23.93 -8.06 -11.45
CA LEU B 304 24.33 -9.23 -10.73
C LEU B 304 25.69 -9.73 -11.19
N ILE B 305 26.63 -9.91 -10.30
CA ILE B 305 27.93 -10.40 -10.66
C ILE B 305 27.93 -11.88 -10.50
N VAL B 306 28.44 -12.61 -11.47
CA VAL B 306 28.59 -14.05 -11.35
C VAL B 306 30.01 -14.50 -11.55
N THR B 307 30.50 -15.29 -10.61
CA THR B 307 31.89 -15.73 -10.62
C THR B 307 32.01 -17.10 -11.23
N VAL B 308 32.91 -17.17 -12.18
CA VAL B 308 33.30 -18.40 -12.81
C VAL B 308 34.00 -19.33 -11.83
N GLY B 309 34.94 -18.77 -11.08
CA GLY B 309 35.70 -19.52 -10.11
C GLY B 309 36.25 -18.73 -8.93
N ALA B 310 36.65 -19.48 -7.92
CA ALA B 310 37.07 -18.96 -6.62
C ALA B 310 38.28 -18.06 -6.69
N ALA B 311 39.19 -18.35 -7.58
CA ALA B 311 40.32 -17.44 -7.72
C ALA B 311 39.80 -16.09 -8.11
N PHE B 312 38.52 -16.09 -8.46
CA PHE B 312 37.87 -14.96 -9.04
C PHE B 312 36.95 -14.21 -8.11
N VAL B 313 36.58 -14.82 -7.01
CA VAL B 313 35.63 -14.17 -6.17
C VAL B 313 36.13 -12.84 -5.66
N ASP B 314 37.38 -12.77 -5.29
CA ASP B 314 37.87 -11.55 -4.75
C ASP B 314 37.76 -10.44 -5.76
N TYR B 315 38.00 -10.75 -7.01
CA TYR B 315 37.86 -9.76 -8.04
C TYR B 315 36.43 -9.31 -8.20
N GLY B 316 35.49 -10.23 -8.10
CA GLY B 316 34.12 -9.83 -8.23
C GLY B 316 33.64 -8.90 -7.16
N TYR B 317 33.91 -9.28 -5.91
CA TYR B 317 33.51 -8.53 -4.74
C TYR B 317 34.15 -7.20 -4.88
N GLU B 318 35.35 -7.18 -5.41
CA GLU B 318 35.91 -5.93 -5.74
C GLU B 318 35.11 -5.24 -6.81
N VAL B 319 34.66 -5.99 -7.80
CA VAL B 319 33.82 -5.40 -8.82
C VAL B 319 32.53 -4.96 -8.22
N LYS B 320 31.96 -5.79 -7.37
CA LYS B 320 30.70 -5.48 -6.77
C LYS B 320 30.79 -4.24 -5.94
N ASP B 321 31.90 -4.09 -5.26
CA ASP B 321 32.11 -2.91 -4.48
C ASP B 321 32.18 -1.67 -5.32
N ALA B 322 32.80 -1.74 -6.47
CA ALA B 322 32.86 -0.61 -7.35
C ALA B 322 31.49 -0.20 -7.87
N MET B 323 30.67 -1.17 -8.21
CA MET B 323 29.32 -0.93 -8.65
C MET B 323 28.49 -0.28 -7.57
N PHE B 324 28.67 -0.73 -6.34
CA PHE B 324 27.97 -0.17 -5.23
C PHE B 324 28.36 1.25 -4.95
N ARG B 325 29.63 1.54 -5.04
CA ARG B 325 30.07 2.87 -4.79
C ARG B 325 29.51 3.78 -5.83
N ALA B 326 29.40 3.27 -7.03
CA ALA B 326 28.93 4.04 -8.13
C ALA B 326 27.45 4.29 -8.03
N GLY B 327 26.81 3.64 -7.09
CA GLY B 327 25.44 3.88 -6.79
C GLY B 327 24.48 2.83 -7.23
N PHE B 328 25.00 1.75 -7.74
CA PHE B 328 24.17 0.72 -8.29
C PHE B 328 23.63 -0.31 -7.32
N ASP B 329 22.50 -0.87 -7.66
CA ASP B 329 21.90 -1.89 -6.85
C ASP B 329 22.43 -3.19 -7.37
N VAL B 330 23.38 -3.75 -6.66
CA VAL B 330 24.16 -4.88 -7.12
C VAL B 330 24.24 -6.02 -6.12
N ASP B 331 24.28 -7.21 -6.67
CA ASP B 331 24.25 -8.44 -5.95
C ASP B 331 25.33 -9.29 -6.58
N ILE B 332 25.69 -10.40 -5.96
CA ILE B 332 26.73 -11.25 -6.48
C ILE B 332 26.38 -12.69 -6.27
N ASP B 333 26.78 -13.55 -7.18
CA ASP B 333 26.68 -14.94 -6.89
C ASP B 333 28.06 -15.56 -6.84
N ASP B 334 28.51 -15.86 -5.62
CA ASP B 334 29.83 -16.41 -5.35
C ASP B 334 29.78 -17.90 -5.11
N THR B 335 28.60 -18.43 -5.27
CA THR B 335 28.34 -19.81 -5.08
C THR B 335 29.00 -20.58 -6.21
N GLY B 336 29.00 -21.90 -6.08
CA GLY B 336 29.77 -22.76 -6.95
C GLY B 336 28.99 -23.37 -8.09
N LYS B 337 27.77 -22.94 -8.29
CA LYS B 337 26.90 -23.53 -9.28
C LYS B 337 27.53 -23.31 -10.60
N THR B 338 27.16 -24.14 -11.54
CA THR B 338 27.64 -24.03 -12.89
C THR B 338 27.10 -22.79 -13.53
N LEU B 339 27.86 -22.23 -14.45
CA LEU B 339 27.65 -20.88 -14.87
C LEU B 339 26.29 -20.70 -15.41
N ASN B 340 25.91 -21.57 -16.29
CA ASN B 340 24.73 -21.33 -17.07
C ASN B 340 23.58 -21.23 -16.15
N LYS B 341 23.61 -22.01 -15.08
CA LYS B 341 22.58 -21.89 -14.08
C LYS B 341 22.62 -20.52 -13.41
N LYS B 342 23.81 -20.01 -13.17
CA LYS B 342 23.91 -18.75 -12.51
C LYS B 342 23.28 -17.67 -13.34
N ILE B 343 23.59 -17.68 -14.62
CA ILE B 343 23.06 -16.75 -15.56
C ILE B 343 21.58 -16.87 -15.72
N ARG B 344 21.13 -18.07 -15.88
CA ARG B 344 19.71 -18.28 -15.98
C ARG B 344 18.99 -17.89 -14.70
N GLU B 345 19.54 -18.23 -13.54
CA GLU B 345 18.85 -17.92 -12.29
C GLU B 345 18.71 -16.43 -12.10
N GLY B 346 19.74 -15.69 -12.44
CA GLY B 346 19.71 -14.26 -12.46
C GLY B 346 18.77 -13.63 -13.44
N GLN B 347 18.71 -14.18 -14.63
CA GLN B 347 17.84 -13.65 -15.65
C GLN B 347 16.42 -13.81 -15.22
N MET B 348 16.15 -14.90 -14.55
CA MET B 348 14.84 -15.16 -14.05
C MET B 348 14.43 -14.16 -13.02
N ALA B 349 15.40 -13.62 -12.32
CA ALA B 349 15.18 -12.67 -11.26
C ALA B 349 15.09 -11.28 -11.81
N HIS B 350 15.24 -11.18 -13.11
CA HIS B 350 15.11 -9.96 -13.85
C HIS B 350 16.20 -8.96 -13.68
N TYR B 351 17.41 -9.41 -13.39
CA TYR B 351 18.53 -8.50 -13.38
C TYR B 351 18.78 -7.88 -14.71
N ASN B 352 18.94 -6.58 -14.73
CA ASN B 352 19.14 -5.86 -15.94
C ASN B 352 20.41 -6.27 -16.62
N PHE B 353 21.45 -6.45 -15.84
CA PHE B 353 22.71 -6.87 -16.35
C PHE B 353 23.39 -7.92 -15.50
N ILE B 354 23.96 -8.90 -16.16
CA ILE B 354 24.67 -9.95 -15.50
C ILE B 354 26.12 -9.77 -15.84
N LEU B 355 26.98 -9.66 -14.85
CA LEU B 355 28.36 -9.42 -15.09
C LEU B 355 29.17 -10.65 -14.76
N VAL B 356 29.80 -11.21 -15.75
CA VAL B 356 30.44 -12.50 -15.61
C VAL B 356 31.89 -12.24 -15.45
N VAL B 357 32.50 -12.83 -14.44
CA VAL B 357 33.91 -12.62 -14.26
C VAL B 357 34.77 -13.88 -14.24
N GLY B 358 35.81 -13.80 -15.05
CA GLY B 358 36.73 -14.88 -15.29
C GLY B 358 38.14 -14.38 -15.13
N ALA B 359 39.09 -15.28 -15.36
CA ALA B 359 40.50 -15.02 -15.14
C ALA B 359 40.95 -13.89 -15.99
N HIS B 360 40.53 -13.94 -17.23
CA HIS B 360 40.72 -12.86 -18.12
C HIS B 360 39.54 -12.05 -17.83
N GLU B 361 39.74 -10.83 -17.33
CA GLU B 361 38.68 -10.02 -16.75
C GLU B 361 39.26 -9.48 -15.46
N LYS B 362 39.75 -10.40 -14.64
CA LYS B 362 40.61 -10.07 -13.53
C LYS B 362 41.86 -9.45 -14.03
N GLU B 363 42.52 -10.15 -14.92
CA GLU B 363 43.79 -9.69 -15.41
C GLU B 363 43.52 -8.52 -16.29
N THR B 364 42.48 -8.69 -17.08
CA THR B 364 41.94 -7.69 -17.94
C THR B 364 41.52 -6.48 -17.16
N ARG B 365 41.10 -6.73 -15.92
CA ARG B 365 40.48 -5.77 -15.03
C ARG B 365 39.27 -5.16 -15.67
N SER B 366 38.34 -6.02 -16.01
CA SER B 366 37.25 -5.69 -16.86
C SER B 366 36.11 -6.64 -16.66
N VAL B 367 35.09 -6.52 -17.48
CA VAL B 367 33.89 -7.27 -17.23
C VAL B 367 33.20 -7.85 -18.48
N ASN B 368 32.56 -8.99 -18.35
CA ASN B 368 31.85 -9.61 -19.46
C ASN B 368 30.36 -9.62 -19.31
N ILE B 369 29.68 -8.78 -20.06
CA ILE B 369 28.31 -8.45 -19.81
C ILE B 369 27.27 -9.22 -20.60
N ARG B 370 26.32 -9.80 -19.90
CA ARG B 370 25.21 -10.43 -20.55
C ARG B 370 23.96 -9.68 -20.21
N THR B 371 23.18 -9.30 -21.20
CA THR B 371 21.93 -8.59 -20.96
C THR B 371 20.81 -9.48 -20.53
N ARG B 372 19.74 -8.88 -20.01
CA ARG B 372 18.64 -9.58 -19.38
C ARG B 372 17.93 -10.51 -20.32
N ASP B 373 17.83 -10.08 -21.55
CA ASP B 373 17.17 -10.86 -22.56
C ASP B 373 18.15 -11.72 -23.31
N ASN B 374 19.30 -11.87 -22.66
CA ASN B 374 20.37 -12.80 -22.98
C ASN B 374 21.39 -12.34 -23.97
N LYS B 375 21.30 -11.12 -24.41
CA LYS B 375 22.20 -10.63 -25.40
C LYS B 375 23.64 -10.64 -24.88
N VAL B 376 24.59 -11.07 -25.71
CA VAL B 376 25.97 -11.02 -25.29
C VAL B 376 26.62 -9.71 -25.64
N THR B 377 26.53 -8.77 -24.72
CA THR B 377 27.07 -7.45 -24.88
C THR B 377 28.58 -7.53 -25.05
N GLY B 378 29.18 -8.54 -24.46
CA GLY B 378 30.59 -8.74 -24.56
C GLY B 378 31.33 -7.94 -23.52
N THR B 379 32.60 -8.25 -23.34
CA THR B 379 33.37 -7.77 -22.22
C THR B 379 33.72 -6.31 -22.31
N LYS B 380 34.01 -5.72 -21.15
CA LYS B 380 34.36 -4.31 -21.02
C LYS B 380 35.20 -4.03 -19.81
N THR B 381 35.88 -2.90 -19.81
CA THR B 381 36.59 -2.47 -18.61
C THR B 381 35.65 -1.95 -17.58
N LEU B 382 36.13 -1.87 -16.37
CA LEU B 382 35.28 -1.40 -15.33
C LEU B 382 34.86 0.02 -15.54
N GLU B 383 35.81 0.88 -15.75
CA GLU B 383 35.51 2.26 -15.72
C GLU B 383 34.51 2.59 -16.80
N GLU B 384 34.65 1.95 -17.96
CA GLU B 384 33.68 2.10 -19.02
C GLU B 384 32.33 1.52 -18.71
N ALA B 385 32.30 0.35 -18.14
CA ALA B 385 31.05 -0.33 -17.92
C ALA B 385 30.19 0.51 -17.00
N ILE B 386 30.85 1.10 -16.04
CA ILE B 386 30.21 1.95 -15.09
C ILE B 386 29.67 3.15 -15.82
N ALA B 387 30.45 3.66 -16.73
CA ALA B 387 30.09 4.84 -17.44
C ALA B 387 28.87 4.54 -18.24
N MET B 388 28.85 3.37 -18.82
CA MET B 388 27.69 2.92 -19.54
C MET B 388 26.44 2.71 -18.70
N PHE B 389 26.56 2.14 -17.52
CA PHE B 389 25.44 2.10 -16.61
C PHE B 389 24.99 3.44 -16.13
N LYS B 390 25.92 4.32 -15.90
CA LYS B 390 25.60 5.63 -15.38
C LYS B 390 24.74 6.38 -16.34
N GLU B 391 25.03 6.19 -17.60
CA GLU B 391 24.31 6.80 -18.67
C GLU B 391 22.87 6.35 -18.84
N LEU B 392 22.62 5.07 -18.66
CA LEU B 392 21.27 4.54 -18.72
C LEU B 392 20.42 5.05 -17.60
N GLU B 393 21.00 5.22 -16.44
CA GLU B 393 20.35 5.85 -15.32
C GLU B 393 20.10 7.34 -15.47
N GLU B 394 21.08 8.08 -15.93
CA GLU B 394 20.94 9.49 -16.07
C GLU B 394 19.88 9.80 -17.09
N THR B 395 19.81 9.02 -18.14
CA THR B 395 18.85 9.28 -19.19
C THR B 395 17.50 8.66 -19.00
N LYS B 396 17.35 7.80 -18.02
CA LYS B 396 16.16 7.04 -17.78
C LYS B 396 15.76 6.18 -18.96
N ALA B 397 16.72 5.52 -19.56
CA ALA B 397 16.51 4.70 -20.74
C ALA B 397 15.62 3.50 -20.57
N ALA B 398 14.80 3.28 -21.57
CA ALA B 398 13.90 2.16 -21.61
C ALA B 398 14.65 1.05 -22.23
N ASP B 399 14.21 -0.18 -22.05
CA ASP B 399 14.83 -1.28 -22.79
C ASP B 399 14.47 -1.28 -24.27
N GLU B 400 15.36 -1.85 -25.05
CA GLU B 400 15.13 -2.26 -26.43
C GLU B 400 13.67 -2.45 -26.78
N HIS C 3 -1.67 -13.73 1.71
CA HIS C 3 -1.12 -14.87 1.00
C HIS C 3 -1.40 -14.83 -0.51
N ARG C 4 -2.49 -14.21 -0.98
CA ARG C 4 -2.70 -13.95 -2.44
C ARG C 4 -3.51 -14.98 -3.20
N ARG C 5 -4.76 -14.66 -3.51
CA ARG C 5 -5.58 -15.51 -4.38
C ARG C 5 -4.82 -15.85 -5.67
N LEU C 6 -4.38 -14.82 -6.40
CA LEU C 6 -3.64 -15.03 -7.64
C LEU C 6 -2.31 -15.65 -7.54
N GLY C 7 -1.55 -15.32 -6.50
CA GLY C 7 -0.22 -15.85 -6.40
C GLY C 7 -0.35 -17.35 -6.32
N VAL C 8 -1.34 -17.79 -5.59
CA VAL C 8 -1.51 -19.19 -5.24
C VAL C 8 -1.97 -19.94 -6.52
N SER C 9 -1.60 -19.36 -7.65
CA SER C 9 -1.80 -20.05 -8.90
C SER C 9 -0.80 -21.21 -9.03
N GLU C 10 -0.48 -22.02 -8.00
CA GLU C 10 0.08 -23.28 -8.40
C GLU C 10 -1.04 -24.09 -9.09
N GLU C 11 -1.26 -23.71 -10.33
CA GLU C 11 -2.20 -24.25 -11.30
C GLU C 11 -3.66 -24.30 -10.91
N LEU C 12 -4.17 -23.30 -10.24
CA LEU C 12 -5.60 -23.18 -10.11
C LEU C 12 -6.25 -22.32 -11.17
N PHE C 13 -5.84 -21.08 -11.29
CA PHE C 13 -6.42 -20.22 -12.26
C PHE C 13 -5.47 -19.15 -12.68
N PHE C 14 -5.71 -18.56 -13.83
CA PHE C 14 -4.89 -17.46 -14.34
C PHE C 14 -5.69 -16.42 -15.09
N PHE C 15 -5.08 -15.30 -15.37
CA PHE C 15 -5.74 -14.24 -16.07
C PHE C 15 -4.89 -13.83 -17.22
N HIS C 16 -5.52 -13.41 -18.29
CA HIS C 16 -4.86 -13.04 -19.51
C HIS C 16 -5.39 -11.72 -19.96
N SER C 17 -4.54 -10.93 -20.58
CA SER C 17 -4.85 -9.58 -21.03
C SER C 17 -5.91 -9.51 -22.11
N LEU C 18 -6.07 -10.58 -22.84
CA LEU C 18 -7.12 -10.68 -23.81
C LEU C 18 -8.51 -10.86 -23.26
N SER C 19 -8.66 -11.18 -22.00
CA SER C 19 -9.94 -11.12 -21.32
C SER C 19 -9.80 -10.73 -19.87
N PRO C 20 -9.48 -9.49 -19.58
CA PRO C 20 -9.21 -9.13 -18.20
C PRO C 20 -10.48 -9.22 -17.38
N GLY C 21 -10.40 -9.74 -16.19
CA GLY C 21 -11.62 -9.96 -15.47
C GLY C 21 -12.37 -11.23 -15.75
N SER C 22 -11.85 -12.09 -16.57
CA SER C 22 -12.44 -13.38 -16.75
C SER C 22 -11.40 -14.45 -16.48
N GLY C 23 -11.69 -15.35 -15.59
CA GLY C 23 -10.77 -16.41 -15.29
C GLY C 23 -10.57 -17.50 -16.29
N PHE C 24 -9.37 -18.00 -16.32
CA PHE C 24 -9.05 -19.24 -16.92
C PHE C 24 -8.83 -20.19 -15.80
N TRP C 25 -9.62 -21.24 -15.78
CA TRP C 25 -9.47 -22.20 -14.73
C TRP C 25 -8.82 -23.42 -15.27
N LEU C 26 -7.64 -23.70 -14.74
CA LEU C 26 -6.88 -24.86 -15.06
C LEU C 26 -7.48 -26.09 -14.40
N PRO C 27 -7.03 -27.27 -14.72
CA PRO C 27 -7.76 -28.45 -14.31
C PRO C 27 -7.98 -28.58 -12.82
N HIS C 28 -6.95 -28.33 -12.05
CA HIS C 28 -6.97 -28.32 -10.61
C HIS C 28 -7.85 -27.26 -10.06
N GLY C 29 -7.87 -26.11 -10.71
CA GLY C 29 -8.81 -25.07 -10.40
C GLY C 29 -10.27 -25.38 -10.68
N SER C 30 -10.52 -25.99 -11.79
CA SER C 30 -11.82 -26.43 -12.19
C SER C 30 -12.38 -27.43 -11.28
N ALA C 31 -11.51 -28.26 -10.77
CA ALA C 31 -11.90 -29.32 -9.90
C ALA C 31 -12.54 -28.83 -8.65
N ILE C 32 -12.02 -27.75 -8.11
CA ILE C 32 -12.63 -27.07 -7.01
C ILE C 32 -13.96 -26.40 -7.29
N TYR C 33 -14.04 -25.73 -8.43
CA TYR C 33 -15.21 -25.08 -8.86
C TYR C 33 -16.34 -26.08 -9.04
N PHE C 34 -16.04 -27.18 -9.68
CA PHE C 34 -17.02 -28.21 -9.90
C PHE C 34 -17.52 -28.90 -8.66
N LYS C 35 -16.64 -29.15 -7.74
CA LYS C 35 -17.01 -29.69 -6.48
C LYS C 35 -17.92 -28.80 -5.66
N LEU C 36 -17.66 -27.52 -5.70
CA LEU C 36 -18.51 -26.57 -5.06
C LEU C 36 -19.90 -26.56 -5.67
N LEU C 37 -19.99 -26.64 -6.98
CA LEU C 37 -21.24 -26.75 -7.68
C LEU C 37 -22.01 -28.01 -7.41
N LYS C 38 -21.30 -29.10 -7.31
CA LYS C 38 -21.85 -30.36 -6.97
C LYS C 38 -22.44 -30.42 -5.58
N PHE C 39 -21.76 -29.82 -4.62
CA PHE C 39 -22.27 -29.67 -3.29
C PHE C 39 -23.51 -28.79 -3.21
N ILE C 40 -23.49 -27.65 -3.84
CA ILE C 40 -24.64 -26.79 -3.84
C ILE C 40 -25.90 -27.40 -4.47
N ARG C 41 -25.70 -28.12 -5.56
CA ARG C 41 -26.68 -28.93 -6.25
C ARG C 41 -27.21 -30.13 -5.49
N GLU C 42 -26.37 -30.76 -4.71
CA GLU C 42 -26.81 -31.84 -3.86
C GLU C 42 -27.79 -31.33 -2.84
N GLN C 43 -27.48 -30.20 -2.23
CA GLN C 43 -28.36 -29.50 -1.33
C GLN C 43 -29.63 -28.95 -1.95
N TYR C 44 -29.56 -28.44 -3.18
CA TYR C 44 -30.70 -27.86 -3.85
C TYR C 44 -31.77 -28.90 -4.02
N ARG C 45 -31.36 -30.09 -4.42
CA ARG C 45 -32.23 -31.22 -4.59
C ARG C 45 -32.87 -31.69 -3.31
N ALA C 46 -32.07 -31.76 -2.27
CA ALA C 46 -32.54 -32.07 -0.96
C ALA C 46 -33.50 -31.06 -0.32
N ARG C 47 -33.33 -29.80 -0.67
CA ARG C 47 -34.08 -28.75 -0.07
C ARG C 47 -35.18 -28.12 -0.90
N GLY C 48 -35.57 -28.71 -2.00
CA GLY C 48 -36.68 -28.19 -2.73
C GLY C 48 -36.48 -27.22 -3.85
N TYR C 49 -35.29 -27.17 -4.41
CA TYR C 49 -35.02 -26.29 -5.48
C TYR C 49 -34.91 -27.07 -6.75
N THR C 50 -35.28 -26.47 -7.85
CA THR C 50 -35.02 -27.02 -9.15
C THR C 50 -34.13 -26.09 -9.91
N GLU C 51 -33.07 -26.62 -10.48
CA GLU C 51 -32.20 -25.78 -11.25
C GLU C 51 -32.71 -25.59 -12.63
N VAL C 52 -32.61 -24.38 -13.14
CA VAL C 52 -33.09 -24.06 -14.45
C VAL C 52 -31.98 -23.44 -15.25
N ILE C 53 -32.17 -23.33 -16.55
CA ILE C 53 -31.21 -22.74 -17.43
C ILE C 53 -31.87 -21.62 -18.17
N THR C 54 -31.19 -20.52 -18.30
CA THR C 54 -31.73 -19.33 -18.88
C THR C 54 -30.82 -18.73 -19.93
N PRO C 55 -31.30 -17.74 -20.66
CA PRO C 55 -30.50 -17.07 -21.68
C PRO C 55 -29.45 -16.15 -21.14
N ASN C 56 -28.48 -15.80 -21.96
CA ASN C 56 -27.40 -14.91 -21.59
C ASN C 56 -27.45 -13.51 -22.12
N ILE C 57 -28.13 -13.29 -23.22
CA ILE C 57 -28.26 -11.99 -23.78
C ILE C 57 -29.71 -11.71 -23.93
N PHE C 58 -30.10 -10.48 -23.72
CA PHE C 58 -31.45 -10.07 -23.83
C PHE C 58 -31.57 -8.71 -24.44
N ASN C 59 -32.72 -8.49 -25.02
CA ASN C 59 -33.19 -7.21 -25.47
C ASN C 59 -33.34 -6.23 -24.33
N MET C 60 -33.02 -5.00 -24.58
CA MET C 60 -32.94 -3.98 -23.59
C MET C 60 -34.28 -3.80 -22.92
N GLU C 61 -35.32 -4.21 -23.58
CA GLU C 61 -36.65 -4.06 -23.08
C GLU C 61 -36.82 -4.78 -21.81
N LEU C 62 -36.16 -5.90 -21.65
CA LEU C 62 -36.20 -6.62 -20.41
C LEU C 62 -35.63 -5.83 -19.26
N TRP C 63 -34.52 -5.20 -19.54
CA TRP C 63 -33.85 -4.33 -18.62
C TRP C 63 -34.62 -3.07 -18.31
N ASN C 64 -35.37 -2.56 -19.26
CA ASN C 64 -36.27 -1.46 -19.03
C ASN C 64 -37.33 -1.82 -18.03
N ILE C 65 -37.90 -2.98 -18.20
CA ILE C 65 -38.89 -3.46 -17.31
C ILE C 65 -38.37 -3.68 -15.92
N SER C 66 -37.21 -4.28 -15.78
CA SER C 66 -36.60 -4.57 -14.51
C SER C 66 -36.09 -3.40 -13.68
N GLY C 67 -35.76 -2.31 -14.34
CA GLY C 67 -35.08 -1.21 -13.73
C GLY C 67 -33.59 -1.17 -13.92
N HIS C 68 -33.02 -2.19 -14.51
CA HIS C 68 -31.63 -2.24 -14.83
C HIS C 68 -31.23 -1.19 -15.81
N ALA C 69 -32.14 -0.77 -16.66
CA ALA C 69 -31.84 0.27 -17.57
C ALA C 69 -31.61 1.58 -16.85
N LYS C 70 -32.45 1.88 -15.89
CA LYS C 70 -32.28 3.00 -15.04
C LYS C 70 -31.12 2.98 -14.08
N HIS C 71 -30.98 1.90 -13.37
CA HIS C 71 -30.01 1.80 -12.33
C HIS C 71 -28.67 1.17 -12.61
N TYR C 72 -28.51 0.46 -13.70
CA TYR C 72 -27.40 -0.45 -13.84
C TYR C 72 -26.67 -0.39 -15.13
N LYS C 73 -27.14 0.46 -16.02
CA LYS C 73 -26.71 0.42 -17.39
C LYS C 73 -25.24 0.62 -17.60
N GLU C 74 -24.66 1.43 -16.78
CA GLU C 74 -23.25 1.72 -16.77
C GLU C 74 -22.43 0.48 -16.44
N ASN C 75 -23.00 -0.46 -15.72
CA ASN C 75 -22.31 -1.66 -15.38
C ASN C 75 -22.52 -2.83 -16.32
N MET C 76 -23.19 -2.60 -17.44
CA MET C 76 -23.58 -3.63 -18.37
C MET C 76 -22.90 -3.55 -19.71
N PHE C 77 -22.73 -4.68 -20.35
CA PHE C 77 -22.20 -4.74 -21.69
C PHE C 77 -23.33 -4.69 -22.68
N VAL C 78 -23.39 -3.61 -23.41
CA VAL C 78 -24.49 -3.28 -24.27
C VAL C 78 -24.06 -3.30 -25.72
N PHE C 79 -24.89 -3.87 -26.56
CA PHE C 79 -24.61 -4.01 -27.96
C PHE C 79 -25.83 -3.96 -28.83
N ASP C 80 -25.60 -3.99 -30.12
CA ASP C 80 -26.67 -3.91 -31.03
C ASP C 80 -26.96 -5.19 -31.76
N VAL C 81 -28.22 -5.58 -31.81
CA VAL C 81 -28.61 -6.68 -32.65
C VAL C 81 -29.72 -6.26 -33.54
N GLU C 82 -29.45 -6.21 -34.82
CA GLU C 82 -30.50 -5.90 -35.79
C GLU C 82 -31.13 -4.55 -35.52
N GLY C 83 -30.33 -3.62 -35.06
CA GLY C 83 -30.77 -2.28 -34.73
C GLY C 83 -31.34 -2.16 -33.36
N GLN C 84 -31.39 -3.24 -32.63
CA GLN C 84 -31.94 -3.20 -31.30
C GLN C 84 -30.87 -3.37 -30.24
N GLU C 85 -31.00 -2.61 -29.18
CA GLU C 85 -30.14 -2.69 -28.04
C GLU C 85 -30.31 -3.98 -27.33
N TYR C 86 -29.19 -4.54 -26.93
CA TYR C 86 -29.12 -5.79 -26.26
C TYR C 86 -28.07 -5.70 -25.22
N ALA C 87 -28.23 -6.46 -24.17
CA ALA C 87 -27.26 -6.53 -23.12
C ALA C 87 -26.98 -7.95 -22.66
N LEU C 88 -25.75 -8.19 -22.28
CA LEU C 88 -25.38 -9.36 -21.55
C LEU C 88 -25.94 -9.23 -20.16
N LYS C 89 -26.40 -10.31 -19.58
CA LYS C 89 -27.07 -10.24 -18.33
C LYS C 89 -26.15 -10.00 -17.13
N PRO C 90 -26.46 -9.02 -16.33
CA PRO C 90 -25.76 -8.83 -15.08
C PRO C 90 -26.42 -9.59 -13.97
N MET C 91 -27.68 -9.92 -14.11
CA MET C 91 -28.43 -10.57 -13.10
C MET C 91 -29.34 -11.61 -13.72
N ASN C 92 -29.63 -12.68 -13.00
CA ASN C 92 -30.55 -13.68 -13.47
C ASN C 92 -31.96 -13.35 -13.10
N CYS C 93 -32.08 -12.34 -12.26
CA CYS C 93 -33.19 -12.11 -11.39
C CYS C 93 -34.47 -11.87 -12.36
N PRO C 94 -34.39 -11.17 -13.48
CA PRO C 94 -35.48 -11.09 -14.47
C PRO C 94 -35.92 -12.27 -15.37
N ALA C 95 -35.00 -13.09 -15.82
CA ALA C 95 -35.27 -14.28 -16.57
C ALA C 95 -36.04 -15.27 -15.74
N ALA C 96 -35.74 -15.28 -14.47
CA ALA C 96 -36.43 -16.12 -13.53
C ALA C 96 -37.89 -15.78 -13.39
N SER C 97 -38.21 -14.53 -13.48
CA SER C 97 -39.57 -14.07 -13.49
C SER C 97 -40.36 -14.53 -14.71
N LEU C 98 -39.74 -14.51 -15.86
CA LEU C 98 -40.33 -15.01 -17.06
C LEU C 98 -40.63 -16.50 -17.00
N MET C 99 -39.77 -17.27 -16.39
CA MET C 99 -39.95 -18.67 -16.20
C MET C 99 -41.16 -18.94 -15.35
N PHE C 100 -41.36 -18.17 -14.30
CA PHE C 100 -42.47 -18.29 -13.37
C PHE C 100 -43.82 -17.95 -13.99
N ASP C 101 -43.78 -17.09 -14.98
CA ASP C 101 -44.93 -16.64 -15.68
C ASP C 101 -45.28 -17.54 -16.82
N PHE C 102 -44.54 -18.62 -16.98
CA PHE C 102 -44.70 -19.50 -18.10
C PHE C 102 -46.07 -20.11 -18.12
N ARG C 103 -46.58 -20.50 -16.98
CA ARG C 103 -47.90 -20.99 -16.89
C ARG C 103 -48.48 -20.52 -15.61
N GLN C 104 -49.78 -20.58 -15.51
CA GLN C 104 -50.50 -20.15 -14.33
C GLN C 104 -50.19 -20.98 -13.13
N ARG C 105 -50.10 -20.32 -11.99
CA ARG C 105 -49.73 -20.99 -10.78
C ARG C 105 -50.81 -20.87 -9.74
N SER C 106 -51.09 -21.97 -9.08
CA SER C 106 -52.00 -21.98 -7.93
C SER C 106 -51.27 -21.74 -6.64
N TYR C 107 -52.01 -21.35 -5.61
CA TYR C 107 -51.44 -21.04 -4.30
C TYR C 107 -50.79 -22.18 -3.58
N ARG C 108 -51.33 -23.37 -3.79
CA ARG C 108 -50.86 -24.60 -3.21
C ARG C 108 -49.48 -24.86 -3.65
N GLU C 109 -49.15 -24.39 -4.85
CA GLU C 109 -47.83 -24.60 -5.43
C GLU C 109 -46.73 -23.95 -4.61
N LEU C 110 -46.97 -22.78 -4.02
CA LEU C 110 -45.95 -22.10 -3.20
C LEU C 110 -45.24 -23.02 -2.18
N PRO C 111 -43.93 -22.85 -2.06
CA PRO C 111 -43.20 -21.85 -2.86
C PRO C 111 -42.42 -22.49 -4.01
N ILE C 112 -42.19 -21.73 -5.07
CA ILE C 112 -41.46 -22.21 -6.19
C ILE C 112 -40.04 -21.73 -6.02
N ARG C 113 -39.06 -22.61 -6.11
CA ARG C 113 -37.67 -22.20 -5.95
C ARG C 113 -36.81 -22.58 -7.11
N TYR C 114 -36.33 -21.60 -7.83
CA TYR C 114 -35.56 -21.84 -9.03
C TYR C 114 -34.14 -21.41 -8.78
N ALA C 115 -33.22 -22.29 -9.11
CA ALA C 115 -31.81 -22.05 -8.98
C ALA C 115 -31.24 -21.78 -10.34
N ASP C 116 -30.38 -20.81 -10.42
CA ASP C 116 -29.70 -20.52 -11.64
C ASP C 116 -28.23 -20.33 -11.47
N CYS C 117 -27.46 -21.11 -12.17
CA CYS C 117 -26.03 -21.01 -12.19
C CYS C 117 -25.46 -20.30 -13.39
N GLY C 118 -26.23 -19.50 -14.07
CA GLY C 118 -25.82 -18.83 -15.27
C GLY C 118 -24.73 -17.80 -15.18
N VAL C 119 -24.01 -17.65 -16.28
CA VAL C 119 -22.91 -16.73 -16.42
C VAL C 119 -23.39 -15.29 -16.46
N LEU C 120 -22.83 -14.47 -15.61
CA LEU C 120 -23.15 -13.07 -15.57
C LEU C 120 -21.96 -12.23 -15.97
N HIS C 121 -22.25 -11.06 -16.49
CA HIS C 121 -21.27 -10.07 -16.84
C HIS C 121 -21.61 -8.70 -16.26
N ARG C 122 -20.63 -8.05 -15.68
CA ARG C 122 -20.72 -6.69 -15.21
C ARG C 122 -19.49 -5.96 -15.67
N ASN C 123 -19.65 -4.76 -16.16
CA ASN C 123 -18.53 -3.98 -16.62
C ASN C 123 -17.76 -3.38 -15.46
N GLU C 124 -16.45 -3.47 -15.50
CA GLU C 124 -15.61 -2.78 -14.56
C GLU C 124 -14.41 -2.37 -15.32
N LEU C 125 -13.77 -1.30 -14.89
CA LEU C 125 -12.60 -0.80 -15.57
C LEU C 125 -11.47 -1.76 -15.48
N SER C 126 -10.73 -1.88 -16.55
CA SER C 126 -9.71 -2.91 -16.62
C SER C 126 -8.63 -2.80 -15.57
N GLY C 127 -8.18 -1.60 -15.29
CA GLY C 127 -7.20 -1.35 -14.29
C GLY C 127 -7.64 -1.74 -12.91
N ALA C 128 -8.92 -1.57 -12.66
CA ALA C 128 -9.54 -1.95 -11.41
C ALA C 128 -9.61 -3.44 -11.15
N LEU C 129 -9.52 -4.29 -12.16
CA LEU C 129 -9.72 -5.70 -11.97
C LEU C 129 -8.57 -6.40 -11.32
N THR C 130 -8.83 -7.13 -10.26
CA THR C 130 -7.82 -8.02 -9.72
C THR C 130 -8.35 -9.36 -9.34
N GLY C 131 -7.76 -10.42 -9.83
CA GLY C 131 -8.06 -11.74 -9.34
C GLY C 131 -9.51 -12.13 -9.40
N LEU C 132 -9.96 -12.87 -8.41
CA LEU C 132 -11.35 -13.28 -8.35
C LEU C 132 -12.28 -12.39 -7.55
N THR C 133 -11.70 -11.47 -6.81
CA THR C 133 -12.43 -10.51 -6.02
C THR C 133 -13.17 -9.47 -6.81
N ARG C 134 -12.55 -9.00 -7.86
CA ARG C 134 -13.18 -8.10 -8.78
C ARG C 134 -13.06 -8.54 -10.21
N VAL C 135 -14.12 -9.15 -10.71
CA VAL C 135 -14.15 -9.75 -12.02
C VAL C 135 -15.31 -9.21 -12.83
N ARG C 136 -15.15 -9.19 -14.15
CA ARG C 136 -16.19 -9.06 -15.13
C ARG C 136 -17.18 -10.20 -15.30
N ARG C 137 -16.68 -11.42 -15.17
CA ARG C 137 -17.39 -12.64 -15.46
C ARG C 137 -17.48 -13.54 -14.25
N PHE C 138 -18.68 -13.98 -13.89
CA PHE C 138 -18.87 -14.84 -12.76
C PHE C 138 -20.15 -15.63 -12.83
N GLN C 139 -20.24 -16.67 -12.04
CA GLN C 139 -21.44 -17.42 -11.89
C GLN C 139 -21.87 -17.36 -10.43
N GLN C 140 -23.04 -16.83 -10.16
CA GLN C 140 -23.62 -16.88 -8.87
C GLN C 140 -24.29 -18.22 -8.53
N ASP C 141 -24.31 -18.59 -7.27
CA ASP C 141 -25.20 -19.63 -6.82
C ASP C 141 -26.52 -19.01 -6.50
N ASP C 142 -27.05 -18.36 -7.50
CA ASP C 142 -28.27 -17.66 -7.41
C ASP C 142 -29.49 -18.56 -7.46
N ALA C 143 -30.47 -18.23 -6.69
CA ALA C 143 -31.77 -18.80 -6.79
C ALA C 143 -32.68 -17.69 -6.37
N HIS C 144 -33.87 -17.64 -6.96
CA HIS C 144 -34.83 -16.59 -6.68
C HIS C 144 -36.13 -17.26 -6.28
N ILE C 145 -36.59 -16.99 -5.07
CA ILE C 145 -37.72 -17.77 -4.52
C ILE C 145 -39.08 -17.06 -4.57
N PHE C 146 -40.10 -17.70 -5.11
CA PHE C 146 -41.41 -17.10 -5.21
C PHE C 146 -42.38 -17.67 -4.19
N CYS C 147 -42.83 -16.86 -3.26
CA CYS C 147 -43.67 -17.36 -2.21
C CYS C 147 -44.84 -16.49 -1.90
N ARG C 148 -45.80 -17.03 -1.21
CA ARG C 148 -46.93 -16.29 -0.71
C ARG C 148 -46.44 -15.46 0.43
N ASP C 149 -47.17 -14.42 0.78
CA ASP C 149 -46.81 -13.54 1.88
C ASP C 149 -46.76 -14.24 3.27
N ASP C 150 -47.59 -15.23 3.50
CA ASP C 150 -47.54 -16.00 4.72
C ASP C 150 -46.39 -16.96 4.83
N GLN C 151 -45.68 -17.17 3.74
CA GLN C 151 -44.63 -18.15 3.74
C GLN C 151 -43.25 -17.58 3.97
N ILE C 152 -43.16 -16.30 4.23
CA ILE C 152 -41.86 -15.70 4.36
C ILE C 152 -41.02 -16.20 5.51
N LYS C 153 -41.60 -16.39 6.68
CA LYS C 153 -40.84 -16.84 7.81
C LYS C 153 -40.24 -18.24 7.63
N LYS C 154 -41.02 -19.16 7.14
CA LYS C 154 -40.52 -20.48 6.88
C LYS C 154 -39.45 -20.54 5.80
N GLU C 155 -39.62 -19.75 4.77
CA GLU C 155 -38.66 -19.72 3.72
C GLU C 155 -37.32 -19.16 4.16
N VAL C 156 -37.35 -18.11 4.94
CA VAL C 156 -36.17 -17.51 5.51
C VAL C 156 -35.51 -18.38 6.53
N LEU C 157 -36.28 -19.03 7.36
CA LEU C 157 -35.74 -19.93 8.33
C LEU C 157 -35.04 -21.06 7.66
N ASP C 158 -35.65 -21.60 6.64
CA ASP C 158 -35.08 -22.68 5.93
C ASP C 158 -33.83 -22.29 5.20
N PHE C 159 -33.76 -21.08 4.70
CA PHE C 159 -32.58 -20.60 4.05
C PHE C 159 -31.39 -20.47 4.99
N LEU C 160 -31.66 -20.01 6.18
CA LEU C 160 -30.65 -19.82 7.15
C LEU C 160 -30.00 -21.09 7.57
N SER C 161 -30.75 -22.15 7.69
CA SER C 161 -30.16 -23.45 7.93
C SER C 161 -29.30 -24.00 6.83
N PHE C 162 -29.75 -23.78 5.60
CA PHE C 162 -29.04 -24.15 4.42
C PHE C 162 -27.72 -23.43 4.40
N MET C 163 -27.78 -22.14 4.64
CA MET C 163 -26.60 -21.33 4.65
C MET C 163 -25.65 -21.73 5.74
N LYS C 164 -26.19 -21.98 6.91
CA LYS C 164 -25.40 -22.41 8.01
C LYS C 164 -24.79 -23.74 7.79
N TYR C 165 -25.54 -24.64 7.21
CA TYR C 165 -25.05 -25.95 6.91
C TYR C 165 -23.88 -25.91 5.97
N VAL C 166 -23.93 -25.11 4.96
CA VAL C 166 -22.82 -24.94 4.09
C VAL C 166 -21.60 -24.35 4.76
N TYR C 167 -21.80 -23.29 5.50
CA TYR C 167 -20.70 -22.57 6.08
C TYR C 167 -19.94 -23.39 7.08
N ASP C 168 -20.67 -24.20 7.81
CA ASP C 168 -20.17 -25.07 8.80
C ASP C 168 -19.21 -25.99 8.20
N VAL C 169 -19.46 -26.36 6.97
CA VAL C 169 -18.60 -27.27 6.29
C VAL C 169 -17.23 -26.64 6.18
N PHE C 170 -17.16 -25.36 5.92
CA PHE C 170 -15.88 -24.73 5.77
C PHE C 170 -15.31 -24.04 6.98
N GLY C 171 -16.00 -24.06 8.08
CA GLY C 171 -15.53 -23.34 9.23
C GLY C 171 -15.79 -21.87 9.22
N ILE C 172 -16.81 -21.45 8.53
CA ILE C 172 -17.00 -20.06 8.28
C ILE C 172 -18.10 -19.53 9.14
N GLU C 173 -17.82 -18.42 9.79
CA GLU C 173 -18.76 -17.72 10.64
C GLU C 173 -19.59 -16.69 9.96
N PHE C 174 -20.72 -16.38 10.53
CA PHE C 174 -21.64 -15.42 9.95
C PHE C 174 -22.29 -14.49 10.95
N ASN C 175 -22.82 -13.39 10.48
CA ASN C 175 -23.56 -12.48 11.31
C ASN C 175 -24.73 -11.84 10.60
N LEU C 176 -25.85 -11.76 11.28
CA LEU C 176 -27.10 -11.38 10.70
C LEU C 176 -27.70 -10.11 11.25
N GLU C 177 -28.15 -9.23 10.39
CA GLU C 177 -28.86 -8.07 10.83
C GLU C 177 -30.05 -7.87 9.97
N LEU C 178 -31.03 -7.14 10.45
CA LEU C 178 -32.20 -6.88 9.69
C LEU C 178 -32.10 -5.48 9.18
N SER C 179 -32.31 -5.28 7.90
CA SER C 179 -32.25 -3.98 7.31
C SER C 179 -33.65 -3.63 6.91
N THR C 180 -34.17 -2.54 7.44
CA THR C 180 -35.57 -2.20 7.30
C THR C 180 -35.84 -1.09 6.35
N ARG C 181 -37.09 -0.74 6.23
CA ARG C 181 -37.56 0.09 5.18
C ARG C 181 -36.91 1.45 5.13
N PRO C 182 -36.39 1.82 3.99
CA PRO C 182 -35.84 3.15 3.81
C PRO C 182 -36.91 4.20 3.54
N GLU C 183 -36.49 5.45 3.58
CA GLU C 183 -37.34 6.60 3.36
C GLU C 183 -37.97 6.67 1.95
N LYS C 184 -37.18 6.50 0.92
CA LYS C 184 -37.73 6.34 -0.41
C LYS C 184 -37.94 4.85 -0.66
N ALA C 185 -39.18 4.40 -0.69
CA ALA C 185 -39.46 3.00 -0.81
C ALA C 185 -40.76 2.78 -1.55
N MET C 186 -40.88 1.66 -2.24
CA MET C 186 -41.96 1.45 -3.17
C MET C 186 -43.12 0.53 -2.83
N GLY C 187 -43.14 -0.09 -1.67
CA GLY C 187 -44.27 -0.94 -1.38
C GLY C 187 -45.48 -0.23 -0.81
N GLU C 188 -46.53 -0.94 -0.50
CA GLU C 188 -47.50 -0.50 0.48
C GLU C 188 -46.98 -0.79 1.86
N LEU C 189 -47.46 -0.11 2.88
CA LEU C 189 -46.97 -0.33 4.23
C LEU C 189 -47.22 -1.71 4.70
N GLU C 190 -48.33 -2.26 4.28
CA GLU C 190 -48.82 -3.53 4.71
C GLU C 190 -47.81 -4.62 4.39
N GLN C 191 -47.24 -4.54 3.21
CA GLN C 191 -46.27 -5.48 2.74
C GLN C 191 -45.05 -5.46 3.58
N TRP C 192 -44.55 -4.28 3.85
CA TRP C 192 -43.34 -4.12 4.60
C TRP C 192 -43.47 -4.61 6.04
N GLU C 193 -44.60 -4.32 6.68
CA GLU C 193 -44.83 -4.72 8.04
C GLU C 193 -44.93 -6.21 8.21
N ARG C 194 -45.72 -6.85 7.38
CA ARG C 194 -45.87 -8.28 7.45
C ARG C 194 -44.55 -8.97 7.20
N ALA C 195 -43.87 -8.52 6.18
CA ALA C 195 -42.59 -9.05 5.79
C ALA C 195 -41.47 -8.87 6.77
N GLU C 196 -41.31 -7.67 7.31
CA GLU C 196 -40.33 -7.40 8.33
C GLU C 196 -40.60 -8.15 9.62
N SER C 197 -41.86 -8.29 9.95
CA SER C 197 -42.29 -9.00 11.12
C SER C 197 -41.88 -10.46 11.08
N GLN C 198 -42.09 -11.07 9.93
CA GLN C 198 -41.65 -12.41 9.66
C GLN C 198 -40.16 -12.56 9.66
N LEU C 199 -39.46 -11.60 9.12
CA LEU C 199 -38.02 -11.66 9.14
C LEU C 199 -37.55 -11.62 10.54
N ALA C 200 -38.19 -10.82 11.37
CA ALA C 200 -37.85 -10.73 12.77
C ALA C 200 -38.12 -12.02 13.48
N GLU C 201 -39.24 -12.60 13.20
CA GLU C 201 -39.63 -13.83 13.79
C GLU C 201 -38.65 -14.94 13.47
N ALA C 202 -38.21 -15.00 12.22
CA ALA C 202 -37.29 -16.02 11.80
C ALA C 202 -35.97 -15.85 12.48
N LEU C 203 -35.56 -14.61 12.61
CA LEU C 203 -34.34 -14.21 13.24
C LEU C 203 -34.28 -14.53 14.71
N ASP C 204 -35.40 -14.33 15.40
CA ASP C 204 -35.48 -14.58 16.84
C ASP C 204 -35.65 -16.07 17.15
N GLU C 205 -35.77 -16.88 16.10
CA GLU C 205 -35.94 -18.29 16.24
C GLU C 205 -34.58 -18.84 15.86
N PHE C 206 -34.02 -18.36 14.79
CA PHE C 206 -32.72 -18.82 14.36
C PHE C 206 -31.59 -18.39 15.26
N VAL C 207 -31.64 -17.14 15.66
CA VAL C 207 -30.62 -16.55 16.50
C VAL C 207 -31.12 -16.32 17.93
N GLY C 208 -32.42 -16.23 18.11
CA GLY C 208 -33.02 -15.96 19.39
C GLY C 208 -33.22 -14.49 19.64
N ALA C 209 -33.98 -14.14 20.68
CA ALA C 209 -34.60 -12.83 20.84
C ALA C 209 -33.56 -11.77 20.80
N GLY C 210 -32.38 -12.01 21.28
CA GLY C 210 -31.70 -10.82 21.66
C GLY C 210 -30.54 -10.36 20.88
N LYS C 211 -30.05 -11.25 20.04
CA LYS C 211 -28.70 -11.20 19.61
C LYS C 211 -28.54 -10.81 18.20
N TRP C 212 -29.50 -10.04 17.72
CA TRP C 212 -29.38 -9.52 16.39
C TRP C 212 -29.72 -8.07 16.34
N VAL C 213 -28.84 -7.30 15.73
CA VAL C 213 -29.13 -5.89 15.49
C VAL C 213 -30.03 -5.60 14.30
N VAL C 214 -30.72 -4.47 14.38
CA VAL C 214 -31.49 -3.95 13.30
C VAL C 214 -30.77 -2.74 12.76
N ASN C 215 -30.71 -2.61 11.45
CA ASN C 215 -30.30 -1.36 10.87
C ASN C 215 -31.53 -0.73 10.32
N PRO C 216 -32.12 0.19 11.04
CA PRO C 216 -33.37 0.73 10.56
C PRO C 216 -33.14 1.66 9.39
N GLY C 217 -33.94 1.50 8.37
CA GLY C 217 -33.85 2.34 7.21
C GLY C 217 -32.79 1.99 6.21
N ASP C 218 -32.18 0.84 6.35
CA ASP C 218 -31.14 0.42 5.46
C ASP C 218 -31.57 -0.56 4.41
N GLY C 219 -32.86 -0.78 4.28
CA GLY C 219 -33.38 -1.69 3.31
C GLY C 219 -33.25 -1.17 1.91
N ALA C 220 -33.50 -2.02 0.94
CA ALA C 220 -33.49 -1.62 -0.44
C ALA C 220 -34.80 -0.97 -0.68
N PHE C 221 -34.91 -0.18 -1.72
CA PHE C 221 -36.15 0.48 -1.96
C PHE C 221 -37.20 -0.53 -2.27
N TYR C 222 -36.75 -1.62 -2.83
CA TYR C 222 -37.64 -2.61 -3.32
C TYR C 222 -37.98 -3.66 -2.30
N GLY C 223 -37.24 -3.76 -1.24
CA GLY C 223 -37.65 -4.64 -0.19
C GLY C 223 -36.78 -4.69 1.04
N PRO C 224 -37.24 -5.35 2.07
CA PRO C 224 -36.41 -5.58 3.24
C PRO C 224 -35.41 -6.71 3.06
N LYS C 225 -34.33 -6.66 3.82
CA LYS C 225 -33.28 -7.64 3.70
C LYS C 225 -32.61 -8.00 5.00
N ILE C 226 -31.96 -9.13 5.01
CA ILE C 226 -31.18 -9.50 6.13
C ILE C 226 -29.77 -9.40 5.68
N ASP C 227 -29.02 -8.59 6.36
CA ASP C 227 -27.67 -8.35 6.03
C ASP C 227 -26.82 -9.42 6.62
N ILE C 228 -26.04 -10.07 5.81
CA ILE C 228 -25.20 -11.15 6.23
C ILE C 228 -23.75 -10.83 5.96
N MET C 229 -22.91 -11.06 6.94
CA MET C 229 -21.51 -10.88 6.76
C MET C 229 -20.83 -12.12 7.27
N ILE C 230 -19.76 -12.54 6.65
CA ILE C 230 -19.12 -13.77 6.99
C ILE C 230 -17.71 -13.48 7.36
N THR C 231 -17.14 -14.34 8.17
CA THR C 231 -15.80 -14.16 8.62
C THR C 231 -14.99 -15.38 8.30
N ASP C 232 -13.89 -15.16 7.62
CA ASP C 232 -12.89 -16.16 7.34
C ASP C 232 -11.93 -16.38 8.49
N ALA C 233 -11.01 -17.28 8.32
CA ALA C 233 -10.08 -17.65 9.35
C ALA C 233 -9.01 -16.62 9.65
N LEU C 234 -8.85 -15.66 8.76
CA LEU C 234 -7.96 -14.54 8.95
C LEU C 234 -8.69 -13.36 9.52
N LYS C 235 -9.97 -13.54 9.76
CA LYS C 235 -10.75 -12.56 10.40
C LYS C 235 -11.10 -11.41 9.51
N ARG C 236 -10.97 -11.60 8.22
CA ARG C 236 -11.60 -10.76 7.23
C ARG C 236 -13.06 -11.05 7.05
N GLN C 237 -13.79 -10.05 6.67
CA GLN C 237 -15.22 -10.13 6.46
C GLN C 237 -15.55 -9.99 4.99
N HIS C 238 -16.52 -10.76 4.54
CA HIS C 238 -16.97 -10.73 3.19
C HIS C 238 -18.46 -10.76 3.13
N GLN C 239 -19.02 -10.19 2.08
CA GLN C 239 -20.42 -10.39 1.79
C GLN C 239 -20.57 -11.46 0.73
N CYS C 240 -21.10 -12.59 1.11
CA CYS C 240 -21.28 -13.68 0.22
C CYS C 240 -22.73 -14.04 0.18
N ALA C 241 -23.31 -14.29 1.32
CA ALA C 241 -24.71 -14.56 1.41
C ALA C 241 -25.62 -13.33 1.37
N THR C 242 -26.78 -13.50 0.77
CA THR C 242 -27.85 -12.55 0.71
C THR C 242 -29.19 -13.20 0.98
N VAL C 243 -30.05 -12.52 1.70
CA VAL C 243 -31.47 -12.69 1.59
C VAL C 243 -32.10 -11.35 1.38
N GLN C 244 -32.64 -11.13 0.21
CA GLN C 244 -33.24 -9.89 -0.14
C GLN C 244 -34.65 -10.08 -0.66
N LEU C 245 -35.61 -9.48 -0.01
CA LEU C 245 -36.97 -9.44 -0.53
C LEU C 245 -37.18 -8.40 -1.62
N ASP C 246 -38.04 -8.72 -2.57
CA ASP C 246 -38.31 -7.85 -3.66
C ASP C 246 -39.80 -7.74 -3.84
N PHE C 247 -40.37 -6.58 -3.63
CA PHE C 247 -41.75 -6.36 -3.97
C PHE C 247 -41.93 -5.75 -5.34
N GLN C 248 -40.89 -5.12 -5.85
CA GLN C 248 -40.95 -4.54 -7.18
C GLN C 248 -40.98 -5.45 -8.40
N LEU C 249 -40.11 -6.42 -8.43
CA LEU C 249 -40.02 -7.29 -9.56
C LEU C 249 -41.29 -8.07 -9.84
N PRO C 250 -42.02 -8.47 -8.82
CA PRO C 250 -43.27 -9.13 -9.07
C PRO C 250 -44.25 -8.24 -9.78
N ILE C 251 -44.35 -6.97 -9.43
CA ILE C 251 -45.21 -6.07 -10.15
C ILE C 251 -44.79 -5.84 -11.57
N ARG C 252 -43.52 -5.62 -11.79
CA ARG C 252 -43.06 -5.23 -13.07
C ARG C 252 -43.35 -6.28 -14.10
N PHE C 253 -43.15 -7.51 -13.72
CA PHE C 253 -43.36 -8.62 -14.60
C PHE C 253 -44.74 -9.22 -14.52
N ASN C 254 -45.62 -8.56 -13.78
CA ASN C 254 -47.00 -8.95 -13.64
C ASN C 254 -47.23 -10.37 -13.15
N LEU C 255 -46.51 -10.75 -12.14
CA LEU C 255 -46.56 -12.07 -11.60
C LEU C 255 -47.75 -12.30 -10.69
N LYS C 256 -48.38 -13.43 -10.85
CA LYS C 256 -49.52 -13.78 -10.05
C LYS C 256 -49.66 -15.24 -9.75
N TYR C 257 -50.36 -15.51 -8.70
CA TYR C 257 -50.84 -16.84 -8.47
C TYR C 257 -52.31 -16.77 -8.21
N ARG C 258 -53.02 -17.80 -8.63
CA ARG C 258 -54.43 -17.93 -8.37
C ARG C 258 -54.65 -18.27 -6.92
N THR C 259 -55.50 -17.56 -6.23
CA THR C 259 -55.68 -17.79 -4.79
C THR C 259 -56.95 -18.54 -4.53
N ASP C 260 -56.83 -19.80 -4.11
CA ASP C 260 -58.00 -20.62 -3.82
C ASP C 260 -59.24 -20.07 -4.51
N ASP C 261 -59.99 -19.24 -3.78
CA ASP C 261 -61.22 -18.66 -4.32
C ASP C 261 -60.91 -17.63 -5.41
N ALA C 262 -60.71 -18.10 -6.63
CA ALA C 262 -60.31 -17.22 -7.72
C ALA C 262 -60.36 -17.91 -9.08
N ASP C 263 -60.68 -17.16 -10.14
CA ASP C 263 -61.04 -15.74 -10.05
C ASP C 263 -59.85 -14.84 -9.71
N ASN C 264 -59.83 -14.30 -8.49
CA ASN C 264 -58.77 -13.38 -8.06
C ASN C 264 -57.36 -13.95 -8.23
N PHE C 265 -56.37 -13.21 -7.75
CA PHE C 265 -55.00 -13.62 -7.86
C PHE C 265 -54.24 -12.76 -6.89
N LYS C 266 -53.01 -13.10 -6.60
CA LYS C 266 -52.20 -12.28 -5.74
C LYS C 266 -50.80 -12.31 -6.30
N ARG C 267 -49.95 -11.41 -5.88
CA ARG C 267 -48.57 -11.41 -6.32
C ARG C 267 -47.70 -12.14 -5.35
N PRO C 268 -46.73 -12.89 -5.82
CA PRO C 268 -45.75 -13.47 -4.92
C PRO C 268 -44.72 -12.47 -4.45
N VAL C 269 -44.08 -12.75 -3.34
CA VAL C 269 -42.87 -12.06 -2.94
C VAL C 269 -41.71 -12.75 -3.60
N ILE C 270 -40.68 -12.03 -4.02
CA ILE C 270 -39.51 -12.69 -4.55
C ILE C 270 -38.43 -12.56 -3.50
N ILE C 271 -37.67 -13.62 -3.29
CA ILE C 271 -36.51 -13.56 -2.43
C ILE C 271 -35.36 -13.87 -3.34
N HIS C 272 -34.39 -12.95 -3.48
CA HIS C 272 -33.20 -13.19 -4.26
C HIS C 272 -32.30 -13.73 -3.13
N ARG C 273 -31.64 -14.86 -3.32
CA ARG C 273 -30.78 -15.42 -2.28
C ARG C 273 -29.54 -16.11 -2.83
N ALA C 274 -28.48 -16.13 -2.06
CA ALA C 274 -27.23 -16.75 -2.43
C ALA C 274 -26.45 -17.18 -1.23
N ILE C 275 -25.56 -18.15 -1.37
CA ILE C 275 -24.69 -18.52 -0.28
C ILE C 275 -23.20 -18.31 -0.55
N TYR C 276 -22.73 -18.81 -1.66
CA TYR C 276 -21.39 -18.61 -2.16
C TYR C 276 -21.16 -17.17 -2.54
N GLY C 277 -22.22 -16.51 -2.95
CA GLY C 277 -22.16 -15.26 -3.63
C GLY C 277 -21.83 -15.39 -5.07
N SER C 278 -20.66 -15.83 -5.42
CA SER C 278 -20.38 -16.38 -6.70
C SER C 278 -19.35 -17.46 -6.51
N LEU C 279 -19.22 -18.37 -7.44
CA LEU C 279 -18.22 -19.40 -7.35
C LEU C 279 -16.84 -18.83 -7.37
N GLU C 280 -16.60 -17.84 -8.20
CA GLU C 280 -15.32 -17.19 -8.28
C GLU C 280 -14.93 -16.52 -7.00
N ARG C 281 -15.85 -15.78 -6.39
CA ARG C 281 -15.59 -15.12 -5.15
C ARG C 281 -15.38 -16.07 -4.01
N PHE C 282 -16.19 -17.09 -3.92
CA PHE C 282 -16.04 -18.08 -2.90
C PHE C 282 -14.75 -18.87 -2.92
N VAL C 283 -14.25 -19.17 -4.09
CA VAL C 283 -12.98 -19.82 -4.22
C VAL C 283 -11.87 -18.95 -3.70
N ALA C 284 -11.94 -17.67 -3.97
CA ALA C 284 -10.92 -16.77 -3.52
C ALA C 284 -10.87 -16.77 -2.03
N VAL C 285 -12.01 -16.77 -1.38
CA VAL C 285 -12.11 -16.78 0.05
C VAL C 285 -11.48 -18.02 0.62
N LEU C 286 -11.87 -19.15 0.10
CA LEU C 286 -11.39 -20.42 0.55
C LEU C 286 -9.92 -20.64 0.33
N VAL C 287 -9.40 -20.10 -0.75
CA VAL C 287 -8.02 -20.30 -1.09
C VAL C 287 -7.15 -19.70 -0.01
N GLU C 288 -7.47 -18.49 0.40
CA GLU C 288 -6.87 -17.81 1.52
C GLU C 288 -7.22 -18.30 2.90
N HIS C 289 -8.46 -18.65 3.10
CA HIS C 289 -8.97 -19.15 4.35
C HIS C 289 -8.27 -20.44 4.70
N TYR C 290 -7.96 -21.29 3.74
CA TYR C 290 -7.24 -22.51 3.99
C TYR C 290 -5.79 -22.37 3.74
N ALA C 291 -5.39 -21.26 3.20
CA ALA C 291 -4.02 -21.07 2.82
C ALA C 291 -3.55 -22.07 1.80
N GLY C 292 -4.48 -22.58 1.03
CA GLY C 292 -4.17 -23.46 -0.07
C GLY C 292 -4.09 -24.90 0.28
N LYS C 293 -4.28 -25.17 1.57
CA LYS C 293 -4.49 -26.48 2.15
C LYS C 293 -5.96 -26.82 2.32
N PHE C 294 -6.56 -27.27 1.24
CA PHE C 294 -7.93 -27.68 1.24
C PHE C 294 -8.22 -28.99 1.94
N PRO C 295 -9.41 -29.13 2.46
CA PRO C 295 -9.84 -30.36 3.09
C PRO C 295 -10.05 -31.48 2.07
N PHE C 296 -10.03 -32.70 2.54
CA PHE C 296 -9.85 -33.81 1.63
C PHE C 296 -10.95 -33.91 0.61
N TRP C 297 -12.16 -33.60 0.98
CA TRP C 297 -13.25 -33.63 0.03
C TRP C 297 -13.14 -32.66 -1.14
N LEU C 298 -12.59 -31.49 -0.92
CA LEU C 298 -12.58 -30.48 -1.92
C LEU C 298 -11.25 -30.29 -2.57
N SER C 299 -10.25 -30.95 -2.05
CA SER C 299 -8.92 -30.78 -2.54
C SER C 299 -8.81 -31.34 -3.93
N PRO C 300 -8.05 -30.69 -4.78
CA PRO C 300 -7.78 -31.22 -6.11
C PRO C 300 -6.52 -32.05 -6.13
N ARG C 301 -5.86 -32.15 -5.00
CA ARG C 301 -4.69 -32.96 -4.80
C ARG C 301 -4.94 -33.79 -3.57
N GLN C 302 -5.78 -34.79 -3.67
CA GLN C 302 -6.06 -35.69 -2.57
C GLN C 302 -5.00 -36.68 -2.16
N VAL C 303 -4.44 -37.37 -3.13
CA VAL C 303 -3.55 -38.48 -2.92
C VAL C 303 -2.35 -38.42 -3.82
N LEU C 304 -1.17 -38.61 -3.28
CA LEU C 304 0.01 -38.77 -4.09
C LEU C 304 0.69 -40.05 -3.76
N ILE C 305 0.93 -40.86 -4.77
CA ILE C 305 1.70 -42.06 -4.62
C ILE C 305 3.16 -41.79 -4.89
N VAL C 306 4.03 -42.21 -3.98
CA VAL C 306 5.46 -42.15 -4.20
C VAL C 306 6.13 -43.51 -4.21
N THR C 307 6.88 -43.79 -5.27
CA THR C 307 7.54 -45.05 -5.37
C THR C 307 8.93 -45.08 -4.77
N VAL C 308 9.17 -46.11 -4.00
CA VAL C 308 10.40 -46.33 -3.31
C VAL C 308 11.55 -46.62 -4.24
N GLY C 309 11.26 -47.32 -5.30
CA GLY C 309 12.27 -47.66 -6.25
C GLY C 309 11.61 -48.10 -7.51
N ALA C 310 12.40 -48.35 -8.52
CA ALA C 310 11.92 -48.66 -9.84
C ALA C 310 11.09 -49.90 -9.87
N ALA C 311 11.41 -50.83 -8.99
CA ALA C 311 10.75 -52.11 -8.92
C ALA C 311 9.28 -52.04 -8.51
N PHE C 312 8.92 -51.02 -7.78
CA PHE C 312 7.60 -50.92 -7.25
C PHE C 312 6.75 -49.95 -8.02
N VAL C 313 7.28 -49.46 -9.12
CA VAL C 313 6.58 -48.48 -9.91
C VAL C 313 5.30 -49.01 -10.57
N ASP C 314 5.34 -50.23 -11.05
CA ASP C 314 4.15 -50.79 -11.62
C ASP C 314 3.08 -50.97 -10.61
N TYR C 315 3.46 -51.35 -9.41
CA TYR C 315 2.51 -51.48 -8.33
C TYR C 315 1.91 -50.13 -7.98
N GLY C 316 2.69 -49.09 -8.06
CA GLY C 316 2.19 -47.76 -7.83
C GLY C 316 1.12 -47.36 -8.81
N TYR C 317 1.30 -47.69 -10.06
CA TYR C 317 0.32 -47.41 -11.09
C TYR C 317 -0.94 -48.16 -10.79
N GLU C 318 -0.82 -49.32 -10.20
CA GLU C 318 -1.97 -50.06 -9.74
C GLU C 318 -2.74 -49.41 -8.63
N VAL C 319 -2.03 -48.85 -7.68
CA VAL C 319 -2.63 -48.15 -6.58
C VAL C 319 -3.36 -46.92 -7.09
N LYS C 320 -2.71 -46.23 -7.99
CA LYS C 320 -3.23 -45.05 -8.60
C LYS C 320 -4.48 -45.33 -9.38
N ASP C 321 -4.53 -46.44 -10.08
CA ASP C 321 -5.69 -46.79 -10.84
C ASP C 321 -6.84 -47.01 -9.91
N ALA C 322 -6.60 -47.73 -8.84
CA ALA C 322 -7.61 -48.00 -7.86
C ALA C 322 -8.11 -46.74 -7.21
N MET C 323 -7.21 -45.84 -6.86
CA MET C 323 -7.59 -44.61 -6.26
C MET C 323 -8.45 -43.78 -7.19
N PHE C 324 -8.06 -43.71 -8.44
CA PHE C 324 -8.81 -43.01 -9.45
C PHE C 324 -10.21 -43.59 -9.73
N ARG C 325 -10.34 -44.88 -9.79
CA ARG C 325 -11.61 -45.53 -9.97
C ARG C 325 -12.58 -45.31 -8.82
N ALA C 326 -12.01 -45.24 -7.63
CA ALA C 326 -12.71 -44.98 -6.40
C ALA C 326 -13.14 -43.53 -6.35
N GLY C 327 -12.68 -42.76 -7.31
CA GLY C 327 -13.04 -41.38 -7.42
C GLY C 327 -12.13 -40.30 -6.93
N PHE C 328 -10.88 -40.60 -6.69
CA PHE C 328 -10.02 -39.63 -6.10
C PHE C 328 -9.10 -38.92 -7.05
N ASP C 329 -8.74 -37.72 -6.69
CA ASP C 329 -7.78 -36.97 -7.45
C ASP C 329 -6.41 -37.39 -6.95
N VAL C 330 -5.76 -38.22 -7.72
CA VAL C 330 -4.53 -38.90 -7.35
C VAL C 330 -3.40 -38.77 -8.38
N ASP C 331 -2.19 -38.66 -7.90
CA ASP C 331 -1.03 -38.54 -8.75
C ASP C 331 0.02 -39.52 -8.27
N ILE C 332 1.03 -39.77 -9.07
CA ILE C 332 2.07 -40.67 -8.68
C ILE C 332 3.40 -40.02 -8.97
N ASP C 333 4.32 -40.01 -8.01
CA ASP C 333 5.64 -39.46 -8.29
C ASP C 333 6.55 -40.19 -9.25
N ASP C 334 6.84 -41.46 -9.11
CA ASP C 334 7.34 -42.20 -10.27
C ASP C 334 8.82 -42.12 -10.55
N THR C 335 9.44 -41.11 -10.03
CA THR C 335 10.78 -40.73 -10.38
C THR C 335 11.89 -41.25 -9.46
N GLY C 336 13.11 -40.93 -9.84
CA GLY C 336 14.30 -41.38 -9.19
C GLY C 336 14.67 -40.51 -8.03
N LYS C 337 13.81 -39.55 -7.76
CA LYS C 337 14.02 -38.55 -6.76
C LYS C 337 14.15 -39.39 -5.52
N THR C 338 14.74 -38.84 -4.48
CA THR C 338 14.90 -39.53 -3.22
C THR C 338 13.57 -39.63 -2.57
N LEU C 339 13.36 -40.65 -1.78
CA LEU C 339 12.07 -40.87 -1.18
C LEU C 339 11.72 -39.73 -0.30
N ASN C 340 12.69 -39.25 0.46
CA ASN C 340 12.43 -38.15 1.36
C ASN C 340 12.08 -36.87 0.65
N LYS C 341 12.71 -36.69 -0.50
CA LYS C 341 12.46 -35.61 -1.40
C LYS C 341 11.08 -35.70 -1.96
N LYS C 342 10.70 -36.88 -2.41
CA LYS C 342 9.43 -37.04 -3.01
C LYS C 342 8.38 -36.68 -2.01
N ILE C 343 8.58 -37.13 -0.80
CA ILE C 343 7.60 -36.86 0.19
C ILE C 343 7.53 -35.39 0.46
N ARG C 344 8.65 -34.74 0.61
CA ARG C 344 8.63 -33.36 1.02
C ARG C 344 7.95 -32.54 -0.03
N GLU C 345 8.26 -32.82 -1.28
CA GLU C 345 7.68 -32.10 -2.38
C GLU C 345 6.18 -32.25 -2.40
N GLY C 346 5.70 -33.44 -2.14
CA GLY C 346 4.28 -33.66 -2.11
C GLY C 346 3.59 -32.88 -1.04
N GLN C 347 4.25 -32.72 0.08
CA GLN C 347 3.76 -31.91 1.17
C GLN C 347 3.71 -30.45 0.81
N MET C 348 4.69 -30.04 0.05
CA MET C 348 4.78 -28.72 -0.49
C MET C 348 3.71 -28.40 -1.52
N ALA C 349 3.33 -29.42 -2.25
CA ALA C 349 2.24 -29.35 -3.16
C ALA C 349 0.88 -29.35 -2.46
N HIS C 350 0.86 -29.69 -1.19
CA HIS C 350 -0.35 -29.70 -0.41
C HIS C 350 -1.21 -30.90 -0.50
N TYR C 351 -0.67 -31.99 -0.99
CA TYR C 351 -1.45 -33.19 -1.05
C TYR C 351 -1.87 -33.64 0.32
N ASN C 352 -3.14 -33.93 0.47
CA ASN C 352 -3.64 -34.39 1.75
C ASN C 352 -3.04 -35.67 2.24
N PHE C 353 -2.86 -36.64 1.37
CA PHE C 353 -2.21 -37.88 1.72
C PHE C 353 -1.11 -38.27 0.77
N ILE C 354 -0.04 -38.83 1.32
CA ILE C 354 1.06 -39.33 0.56
C ILE C 354 1.11 -40.83 0.83
N LEU C 355 1.18 -41.62 -0.21
CA LEU C 355 1.13 -43.02 -0.03
C LEU C 355 2.42 -43.57 -0.52
N VAL C 356 3.20 -44.13 0.36
CA VAL C 356 4.49 -44.61 -0.01
C VAL C 356 4.36 -46.06 -0.27
N VAL C 357 4.80 -46.50 -1.41
CA VAL C 357 4.71 -47.89 -1.68
C VAL C 357 6.05 -48.50 -1.92
N GLY C 358 6.38 -49.45 -1.07
CA GLY C 358 7.60 -50.19 -1.20
C GLY C 358 7.35 -51.66 -1.39
N ALA C 359 8.34 -52.45 -1.05
CA ALA C 359 8.22 -53.87 -1.18
C ALA C 359 7.15 -54.47 -0.31
N HIS C 360 7.02 -53.94 0.88
CA HIS C 360 6.05 -54.45 1.76
C HIS C 360 4.66 -54.26 1.29
N GLU C 361 4.40 -53.05 0.83
CA GLU C 361 3.12 -52.63 0.37
C GLU C 361 2.68 -53.41 -0.84
N LYS C 362 3.58 -53.60 -1.77
CA LYS C 362 3.30 -54.35 -2.95
C LYS C 362 2.93 -55.81 -2.66
N GLU C 363 3.72 -56.43 -1.81
CA GLU C 363 3.52 -57.81 -1.42
C GLU C 363 2.25 -58.00 -0.67
N THR C 364 1.89 -57.03 0.13
CA THR C 364 0.69 -57.15 0.89
C THR C 364 -0.49 -56.38 0.37
N ARG C 365 -0.35 -55.78 -0.78
CA ARG C 365 -1.37 -54.92 -1.36
C ARG C 365 -1.87 -53.84 -0.42
N SER C 366 -0.97 -53.02 0.06
CA SER C 366 -1.23 -52.01 1.05
C SER C 366 -0.53 -50.72 0.70
N VAL C 367 -0.72 -49.68 1.48
CA VAL C 367 -0.05 -48.45 1.24
C VAL C 367 0.44 -47.96 2.58
N ASN C 368 1.54 -47.25 2.65
CA ASN C 368 1.93 -46.66 3.91
C ASN C 368 1.62 -45.17 3.90
N ILE C 369 0.76 -44.73 4.78
CA ILE C 369 0.18 -43.43 4.66
C ILE C 369 0.80 -42.32 5.49
N ARG C 370 1.18 -41.25 4.82
CA ARG C 370 1.65 -40.06 5.48
C ARG C 370 0.72 -38.88 5.23
N THR C 371 0.36 -38.16 6.27
CA THR C 371 -0.51 -37.02 6.14
C THR C 371 0.26 -35.84 5.64
N ARG C 372 -0.47 -34.79 5.33
CA ARG C 372 0.08 -33.57 4.79
C ARG C 372 0.99 -32.95 5.80
N ASP C 373 0.54 -33.03 7.04
CA ASP C 373 1.22 -32.53 8.21
C ASP C 373 2.39 -33.37 8.66
N ASN C 374 2.60 -34.49 7.98
CA ASN C 374 3.69 -35.38 8.23
C ASN C 374 3.48 -36.32 9.36
N LYS C 375 2.24 -36.51 9.71
CA LYS C 375 1.84 -37.48 10.67
C LYS C 375 1.98 -38.83 10.03
N VAL C 376 2.22 -39.87 10.82
CA VAL C 376 2.32 -41.18 10.22
C VAL C 376 1.15 -42.00 10.58
N THR C 377 0.20 -42.01 9.69
CA THR C 377 -0.94 -42.86 9.75
C THR C 377 -0.35 -44.23 9.45
N GLY C 378 -1.16 -45.24 9.61
CA GLY C 378 -0.63 -46.55 9.46
C GLY C 378 -0.54 -47.02 8.05
N THR C 379 0.27 -48.04 7.88
CA THR C 379 0.10 -48.85 6.75
C THR C 379 -1.32 -49.38 6.80
N LYS C 380 -1.95 -49.45 5.65
CA LYS C 380 -3.29 -49.93 5.55
C LYS C 380 -3.42 -50.69 4.27
N THR C 381 -4.35 -51.60 4.18
CA THR C 381 -4.58 -52.26 2.90
C THR C 381 -5.26 -51.31 1.97
N LEU C 382 -5.26 -51.64 0.70
CA LEU C 382 -5.84 -50.79 -0.30
C LEU C 382 -7.30 -50.61 -0.11
N GLU C 383 -7.98 -51.66 0.27
CA GLU C 383 -9.38 -51.59 0.61
C GLU C 383 -9.62 -50.70 1.81
N GLU C 384 -8.80 -50.81 2.84
CA GLU C 384 -8.92 -49.97 4.00
C GLU C 384 -8.65 -48.51 3.74
N ALA C 385 -7.67 -48.21 2.93
CA ALA C 385 -7.38 -46.84 2.57
C ALA C 385 -8.50 -46.17 1.82
N ILE C 386 -9.05 -46.88 0.86
CA ILE C 386 -10.15 -46.43 0.08
C ILE C 386 -11.34 -46.20 0.97
N ALA C 387 -11.59 -47.10 1.90
CA ALA C 387 -12.68 -46.89 2.81
C ALA C 387 -12.49 -45.68 3.67
N MET C 388 -11.26 -45.43 4.07
CA MET C 388 -10.97 -44.25 4.82
C MET C 388 -11.21 -42.94 4.07
N PHE C 389 -10.78 -42.88 2.84
CA PHE C 389 -10.96 -41.71 2.04
C PHE C 389 -12.41 -41.38 1.75
N LYS C 390 -13.20 -42.40 1.53
CA LYS C 390 -14.59 -42.24 1.28
C LYS C 390 -15.31 -41.64 2.43
N GLU C 391 -14.99 -42.11 3.60
CA GLU C 391 -15.55 -41.56 4.79
C GLU C 391 -15.13 -40.11 4.93
N LEU C 392 -13.88 -39.79 4.66
CA LEU C 392 -13.44 -38.40 4.76
C LEU C 392 -14.17 -37.51 3.79
N GLU C 393 -14.34 -37.99 2.59
CA GLU C 393 -15.06 -37.36 1.56
C GLU C 393 -16.53 -37.23 1.87
N GLU C 394 -17.15 -38.32 2.25
CA GLU C 394 -18.55 -38.34 2.50
C GLU C 394 -18.93 -37.45 3.64
N THR C 395 -18.08 -37.38 4.64
CA THR C 395 -18.39 -36.59 5.78
C THR C 395 -17.92 -35.16 5.69
N LYS C 396 -17.18 -34.83 4.63
CA LYS C 396 -16.65 -33.50 4.42
C LYS C 396 -15.82 -33.05 5.61
N ALA C 397 -15.00 -33.93 6.09
CA ALA C 397 -14.23 -33.71 7.28
C ALA C 397 -13.23 -32.64 7.16
N ALA C 398 -13.09 -31.86 8.20
CA ALA C 398 -12.09 -30.84 8.21
C ALA C 398 -10.82 -31.38 8.73
N ASP C 399 -9.76 -30.67 8.43
CA ASP C 399 -8.53 -30.80 9.15
C ASP C 399 -8.75 -29.72 10.19
N GLU C 400 -8.89 -30.07 11.46
CA GLU C 400 -9.20 -29.05 12.46
C GLU C 400 -10.63 -28.57 12.27
#